data_447D
# 
_entry.id   447D 
# 
_audit_conform.dict_name       mmcif_pdbx.dic 
_audit_conform.dict_version    5.383 
_audit_conform.dict_location   http://mmcif.pdb.org/dictionaries/ascii/mmcif_pdbx.dic 
# 
loop_
_database_2.database_id 
_database_2.database_code 
_database_2.pdbx_database_accession 
_database_2.pdbx_DOI 
PDB   447D         pdb_0000447d 10.2210/pdb447d/pdb 
NDB   DD0007       ?            ?                   
RCSB  RCSB001339   ?            ?                   
WWPDB D_1000001339 ?            ?                   
# 
loop_
_pdbx_audit_revision_history.ordinal 
_pdbx_audit_revision_history.data_content_type 
_pdbx_audit_revision_history.major_revision 
_pdbx_audit_revision_history.minor_revision 
_pdbx_audit_revision_history.revision_date 
1 'Structure model' 1 0 2000-03-06 
2 'Structure model' 1 1 2008-04-26 
3 'Structure model' 1 2 2011-07-13 
4 'Structure model' 1 3 2018-03-07 
5 'Structure model' 1 4 2023-12-27 
# 
_pdbx_audit_revision_details.ordinal             1 
_pdbx_audit_revision_details.revision_ordinal    1 
_pdbx_audit_revision_details.data_content_type   'Structure model' 
_pdbx_audit_revision_details.provider            repository 
_pdbx_audit_revision_details.type                'Initial release' 
_pdbx_audit_revision_details.description         ? 
_pdbx_audit_revision_details.details             ? 
# 
loop_
_pdbx_audit_revision_group.ordinal 
_pdbx_audit_revision_group.revision_ordinal 
_pdbx_audit_revision_group.data_content_type 
_pdbx_audit_revision_group.group 
1 2 'Structure model' 'Version format compliance' 
2 3 'Structure model' 'Version format compliance' 
3 4 'Structure model' 'Data collection'           
4 5 'Structure model' 'Data collection'           
5 5 'Structure model' 'Database references'       
6 5 'Structure model' 'Derived calculations'      
# 
loop_
_pdbx_audit_revision_category.ordinal 
_pdbx_audit_revision_category.revision_ordinal 
_pdbx_audit_revision_category.data_content_type 
_pdbx_audit_revision_category.category 
1 4 'Structure model' diffrn_source  
2 5 'Structure model' chem_comp_atom 
3 5 'Structure model' chem_comp_bond 
4 5 'Structure model' database_2     
5 5 'Structure model' struct_site    
# 
loop_
_pdbx_audit_revision_item.ordinal 
_pdbx_audit_revision_item.revision_ordinal 
_pdbx_audit_revision_item.data_content_type 
_pdbx_audit_revision_item.item 
1 4 'Structure model' '_diffrn_source.source'               
2 5 'Structure model' '_database_2.pdbx_DOI'                
3 5 'Structure model' '_database_2.pdbx_database_accession' 
4 5 'Structure model' '_struct_site.pdbx_auth_asym_id'      
5 5 'Structure model' '_struct_site.pdbx_auth_comp_id'      
6 5 'Structure model' '_struct_site.pdbx_auth_seq_id'       
# 
_pdbx_database_status.status_code                     REL 
_pdbx_database_status.entry_id                        447D 
_pdbx_database_status.recvd_initial_deposition_date   1999-01-18 
_pdbx_database_status.deposit_site                    NDB 
_pdbx_database_status.process_site                    NDB 
_pdbx_database_status.status_code_sf                  REL 
_pdbx_database_status.SG_entry                        . 
_pdbx_database_status.pdb_format_compatible           Y 
_pdbx_database_status.status_code_mr                  ? 
_pdbx_database_status.status_code_cs                  ? 
_pdbx_database_status.methods_development_category    ? 
_pdbx_database_status.status_code_nmr_data            ? 
# 
loop_
_audit_author.name 
_audit_author.pdbx_ordinal 
'Squire, C.J.' 1 
'Baker, L.J.'  2 
'Clark, G.R.'  3 
'Martin, R.F.' 4 
'White, J.'    5 
# 
loop_
_citation.id 
_citation.title 
_citation.journal_abbrev 
_citation.journal_volume 
_citation.page_first 
_citation.page_last 
_citation.year 
_citation.journal_id_ASTM 
_citation.country 
_citation.journal_id_ISSN 
_citation.journal_id_CSD 
_citation.book_publisher 
_citation.pdbx_database_id_PubMed 
_citation.pdbx_database_id_DOI 
primary 
;Structures of m-iodo Hoechst-DNA complexes in crystals with reduced solvent content: implications for minor groove binder drug design.
;
'Nucleic Acids Res.' 28 1252 1258 2000 NARHAD UK 0305-1048 0389 ? 10666470 10.1093/nar/28.5.1252 
1       'Intermolecular interactions and water structure in a condensed phase B-DNA crystal' 'Nucleic Acids Res.' 28 1259 1265 
2000 NARHAD UK 0305-1048 0389 ? ?        10.1093/nar/28.5.1259 
# 
loop_
_citation_author.citation_id 
_citation_author.name 
_citation_author.ordinal 
_citation_author.identifier_ORCID 
primary 'Squire, C.J.' 1  ? 
primary 'Baker, L.J.'  2  ? 
primary 'Clark, G.R.'  3  ? 
primary 'Martin, R.F.' 4  ? 
primary 'White, J.'    5  ? 
1       'Clark, G.R.'  6  ? 
1       'Squire, C.J.' 7  ? 
1       'Baker, L.J.'  8  ? 
1       'Martin, R.F.' 9  ? 
1       'White, J.'    10 ? 
# 
loop_
_entity.id 
_entity.type 
_entity.src_method 
_entity.pdbx_description 
_entity.formula_weight 
_entity.pdbx_number_of_molecules 
_entity.pdbx_ec 
_entity.pdbx_mutation 
_entity.pdbx_fragment 
_entity.details 
1 polymer     syn 
;DNA (5'-D(*CP*GP*CP*GP*AP*AP*TP*TP*CP*GP*CP*G)-3')
;
3663.392 2  ? ? ? ? 
2 non-polymer syn "2'-(4-DIMETHYLAMINOPHENYL)-5-(4-METHYL-1-PIPERAZINYL)-2,5'-BI-BENZIMIDAZOLE" 451.566  1  ? ? ? ? 
3 water       nat water                                                                         18.015   12 ? ? ? ? 
# 
_entity_poly.entity_id                      1 
_entity_poly.type                           polydeoxyribonucleotide 
_entity_poly.nstd_linkage                   no 
_entity_poly.nstd_monomer                   no 
_entity_poly.pdbx_seq_one_letter_code       '(DC)(DG)(DC)(DG)(DA)(DA)(DT)(DT)(DC)(DG)(DC)(DG)' 
_entity_poly.pdbx_seq_one_letter_code_can   CGCGAATTCGCG 
_entity_poly.pdbx_strand_id                 A,B 
_entity_poly.pdbx_target_identifier         ? 
# 
loop_
_pdbx_entity_nonpoly.entity_id 
_pdbx_entity_nonpoly.name 
_pdbx_entity_nonpoly.comp_id 
2 "2'-(4-DIMETHYLAMINOPHENYL)-5-(4-METHYL-1-PIPERAZINYL)-2,5'-BI-BENZIMIDAZOLE" BBZ 
3 water                                                                         HOH 
# 
loop_
_entity_poly_seq.entity_id 
_entity_poly_seq.num 
_entity_poly_seq.mon_id 
_entity_poly_seq.hetero 
1 1  DC n 
1 2  DG n 
1 3  DC n 
1 4  DG n 
1 5  DA n 
1 6  DA n 
1 7  DT n 
1 8  DT n 
1 9  DC n 
1 10 DG n 
1 11 DC n 
1 12 DG n 
# 
loop_
_chem_comp.id 
_chem_comp.type 
_chem_comp.mon_nstd_flag 
_chem_comp.name 
_chem_comp.pdbx_synonyms 
_chem_comp.formula 
_chem_comp.formula_weight 
BBZ non-polymer   . "2'-(4-DIMETHYLAMINOPHENYL)-5-(4-METHYL-1-PIPERAZINYL)-2,5'-BI-BENZIMIDAZOLE" ? 'C27 H29 N7'      451.566 
DA  'DNA linking' y "2'-DEOXYADENOSINE-5'-MONOPHOSPHATE"                                          ? 'C10 H14 N5 O6 P' 331.222 
DC  'DNA linking' y "2'-DEOXYCYTIDINE-5'-MONOPHOSPHATE"                                           ? 'C9 H14 N3 O7 P'  307.197 
DG  'DNA linking' y "2'-DEOXYGUANOSINE-5'-MONOPHOSPHATE"                                          ? 'C10 H14 N5 O7 P' 347.221 
DT  'DNA linking' y "THYMIDINE-5'-MONOPHOSPHATE"                                                  ? 'C10 H15 N2 O8 P' 322.208 
HOH non-polymer   . WATER                                                                         ? 'H2 O'            18.015  
# 
loop_
_pdbx_poly_seq_scheme.asym_id 
_pdbx_poly_seq_scheme.entity_id 
_pdbx_poly_seq_scheme.seq_id 
_pdbx_poly_seq_scheme.mon_id 
_pdbx_poly_seq_scheme.ndb_seq_num 
_pdbx_poly_seq_scheme.pdb_seq_num 
_pdbx_poly_seq_scheme.auth_seq_num 
_pdbx_poly_seq_scheme.pdb_mon_id 
_pdbx_poly_seq_scheme.auth_mon_id 
_pdbx_poly_seq_scheme.pdb_strand_id 
_pdbx_poly_seq_scheme.pdb_ins_code 
_pdbx_poly_seq_scheme.hetero 
A 1 1  DC 1  1  1  DC CYT A . n 
A 1 2  DG 2  2  2  DG GUA A . n 
A 1 3  DC 3  3  3  DC CYT A . n 
A 1 4  DG 4  4  4  DG GUA A . n 
A 1 5  DA 5  5  5  DA ADE A . n 
A 1 6  DA 6  6  6  DA ADE A . n 
A 1 7  DT 7  7  7  DT THY A . n 
A 1 8  DT 8  8  8  DT THY A . n 
A 1 9  DC 9  9  9  DC CYT A . n 
A 1 10 DG 10 10 10 DG GUA A . n 
A 1 11 DC 11 11 11 DC CYT A . n 
A 1 12 DG 12 12 12 DG GUA A . n 
B 1 1  DC 1  13 13 DC CYT B . n 
B 1 2  DG 2  14 14 DG GUA B . n 
B 1 3  DC 3  15 15 DC CYT B . n 
B 1 4  DG 4  16 16 DG GUA B . n 
B 1 5  DA 5  17 17 DA ADE B . n 
B 1 6  DA 6  18 18 DA ADE B . n 
B 1 7  DT 7  19 19 DT THY B . n 
B 1 8  DT 8  20 20 DT THY B . n 
B 1 9  DC 9  21 21 DC CYT B . n 
B 1 10 DG 10 22 22 DG GUA B . n 
B 1 11 DC 11 23 23 DC CYT B . n 
B 1 12 DG 12 24 24 DG GUA B . n 
# 
loop_
_pdbx_nonpoly_scheme.asym_id 
_pdbx_nonpoly_scheme.entity_id 
_pdbx_nonpoly_scheme.mon_id 
_pdbx_nonpoly_scheme.ndb_seq_num 
_pdbx_nonpoly_scheme.pdb_seq_num 
_pdbx_nonpoly_scheme.auth_seq_num 
_pdbx_nonpoly_scheme.pdb_mon_id 
_pdbx_nonpoly_scheme.auth_mon_id 
_pdbx_nonpoly_scheme.pdb_strand_id 
_pdbx_nonpoly_scheme.pdb_ins_code 
C 2 BBZ 1 25 25 BBZ BBZ B . 
D 3 HOH 1 29 29 HOH TIP A . 
D 3 HOH 2 30 30 HOH TIP A . 
D 3 HOH 3 34 34 HOH TIP A . 
D 3 HOH 4 38 38 HOH TIP A . 
E 3 HOH 1 26 26 HOH TIP B . 
E 3 HOH 2 27 27 HOH TIP B . 
E 3 HOH 3 28 28 HOH TIP B . 
E 3 HOH 4 31 31 HOH TIP B . 
E 3 HOH 5 32 32 HOH TIP B . 
E 3 HOH 6 33 33 HOH TIP B . 
E 3 HOH 7 36 36 HOH TIP B . 
E 3 HOH 8 37 37 HOH TIP B . 
# 
loop_
_software.name 
_software.classification 
_software.version 
_software.citation_id 
_software.pdbx_ordinal 
X-PLOR 'model building' .     ? 1 
X-PLOR refinement       3.851 ? 2 
SAINT  'data reduction' .     ? 3 
SAINT  'data scaling'   .     ? 4 
SADABS 'data scaling'   .     ? 5 
X-PLOR phasing          .     ? 6 
# 
_cell.entry_id           447D 
_cell.length_a           24.16 
_cell.length_b           38.62 
_cell.length_c           63.86 
_cell.angle_alpha        90.0 
_cell.angle_beta         90.0 
_cell.angle_gamma        90.0 
_cell.Z_PDB              8 
_cell.pdbx_unique_axis   ? 
# 
_symmetry.entry_id                         447D 
_symmetry.space_group_name_H-M             'P 21 21 21' 
_symmetry.pdbx_full_space_group_name_H-M   ? 
_symmetry.cell_setting                     orthorhombic 
_symmetry.Int_Tables_number                19 
# 
_exptl.entry_id          447D 
_exptl.method            'X-RAY DIFFRACTION' 
_exptl.crystals_number   1 
# 
_exptl_crystal.id                    1 
_exptl_crystal.density_meas          ? 
_exptl_crystal.density_percent_sol   36.86 
_exptl_crystal.density_Matthews      1.95 
_exptl_crystal.description           ? 
# 
_exptl_crystal_grow.crystal_id      1 
_exptl_crystal_grow.method          'VAPOR DIFFUSION, HANGING DROP' 
_exptl_crystal_grow.temp            293 
_exptl_crystal_grow.temp_details    ? 
_exptl_crystal_grow.pH              7.0 
_exptl_crystal_grow.pdbx_details    'pH 7.0, VAPOR DIFFUSION, HANGING DROP, temperature 293K' 
_exptl_crystal_grow.pdbx_pH_range   ? 
# 
loop_
_exptl_crystal_grow_comp.crystal_id 
_exptl_crystal_grow_comp.id 
_exptl_crystal_grow_comp.sol_id 
_exptl_crystal_grow_comp.name 
_exptl_crystal_grow_comp.volume 
_exptl_crystal_grow_comp.conc 
_exptl_crystal_grow_comp.details 
1 1 1 MGCL2    ? ? ? 
1 2 1 SPERMINE ? ? ? 
1 3 1 METHANOL ? ? ? 
1 4 1 MPD      ? ? ? 
1 5 2 MPD      ? ? ? 
# 
_diffrn.id                     1 
_diffrn.ambient_temp           293 
_diffrn.ambient_temp_details   ? 
_diffrn.crystal_id             1 
# 
_diffrn_detector.diffrn_id              1 
_diffrn_detector.detector               CCD 
_diffrn_detector.type                   'BRUKER SMART' 
_diffrn_detector.pdbx_collection_date   1997-05-31 
_diffrn_detector.details                ? 
# 
_diffrn_radiation.diffrn_id                        1 
_diffrn_radiation.wavelength_id                    1 
_diffrn_radiation.pdbx_monochromatic_or_laue_m_l   M 
_diffrn_radiation.monochromator                    GRAPHITE 
_diffrn_radiation.pdbx_diffrn_protocol             'SINGLE WAVELENGTH' 
_diffrn_radiation.pdbx_scattering_type             x-ray 
# 
_diffrn_radiation_wavelength.id           1 
_diffrn_radiation_wavelength.wavelength   0.7107 
_diffrn_radiation_wavelength.wt           1.0 
# 
_diffrn_source.diffrn_id                   1 
_diffrn_source.source                      'ROTATING ANODE' 
_diffrn_source.type                        SIEMENS 
_diffrn_source.pdbx_synchrotron_site       ? 
_diffrn_source.pdbx_synchrotron_beamline   ? 
_diffrn_source.pdbx_wavelength             0.7107 
_diffrn_source.pdbx_wavelength_list        ? 
# 
_reflns.entry_id                     447D 
_reflns.observed_criterion_sigma_I   ? 
_reflns.observed_criterion_sigma_F   0.0 
_reflns.d_resolution_low             ? 
_reflns.d_resolution_high            2.2 
_reflns.number_obs                   3206 
_reflns.number_all                   3206 
_reflns.percent_possible_obs         96.0 
_reflns.pdbx_Rmerge_I_obs            0.1410000 
_reflns.pdbx_Rsym_value              ? 
_reflns.pdbx_netI_over_sigmaI        ? 
_reflns.B_iso_Wilson_estimate        ? 
_reflns.pdbx_redundancy              6.33 
_reflns.R_free_details               ? 
_reflns.pdbx_diffrn_id               1 
_reflns.pdbx_ordinal                 1 
# 
_reflns_shell.d_res_high             2.199 
_reflns_shell.d_res_low              2.278 
_reflns_shell.percent_possible_all   ? 
_reflns_shell.Rmerge_I_obs           0.5210000 
_reflns_shell.pdbx_Rsym_value        ? 
_reflns_shell.meanI_over_sigI_obs    ? 
_reflns_shell.pdbx_redundancy        ? 
_reflns_shell.percent_possible_obs   ? 
_reflns_shell.number_unique_all      ? 
_reflns_shell.pdbx_diffrn_id         ? 
_reflns_shell.pdbx_ordinal           1 
# 
_refine.entry_id                                 447D 
_refine.ls_number_reflns_obs                     2628 
_refine.ls_number_reflns_all                     3077 
_refine.pdbx_ls_sigma_I                          ? 
_refine.pdbx_ls_sigma_F                          2.0 
_refine.pdbx_data_cutoff_high_absF               ? 
_refine.pdbx_data_cutoff_low_absF                ? 
_refine.pdbx_data_cutoff_high_rms_absF           ? 
_refine.ls_d_res_low                             8.0 
_refine.ls_d_res_high                            2.2 
_refine.ls_percent_reflns_obs                    ? 
_refine.ls_R_factor_obs                          0.2230000 
_refine.ls_R_factor_all                          ? 
_refine.ls_R_factor_R_work                       0.2230000 
_refine.ls_R_factor_R_free                       0.3130000 
_refine.ls_R_factor_R_free_error                 ? 
_refine.ls_R_factor_R_free_error_details         ? 
_refine.ls_percent_reflns_R_free                 10 
_refine.ls_number_reflns_R_free                  248 
_refine.ls_number_parameters                     ? 
_refine.ls_number_restraints                     ? 
_refine.occupancy_min                            ? 
_refine.occupancy_max                            ? 
_refine.B_iso_mean                               ? 
_refine.aniso_B[1][1]                            ? 
_refine.aniso_B[2][2]                            ? 
_refine.aniso_B[3][3]                            ? 
_refine.aniso_B[1][2]                            ? 
_refine.aniso_B[1][3]                            ? 
_refine.aniso_B[2][3]                            ? 
_refine.solvent_model_details                    ? 
_refine.solvent_model_param_ksol                 ? 
_refine.solvent_model_param_bsol                 ? 
_refine.pdbx_ls_cross_valid_method               THROUGHOUT 
_refine.details                                  ? 
_refine.pdbx_starting_model                      ? 
_refine.pdbx_method_to_determine_struct          ? 
_refine.pdbx_isotropic_thermal_model             ? 
_refine.pdbx_stereochemistry_target_values       ? 
_refine.pdbx_stereochem_target_val_spec_case     ? 
_refine.pdbx_R_Free_selection_details            RANDOM 
_refine.pdbx_overall_ESU_R                       ? 
_refine.pdbx_overall_ESU_R_Free                  ? 
_refine.overall_SU_ML                            ? 
_refine.overall_SU_B                             ? 
_refine.ls_redundancy_reflns_obs                 ? 
_refine.correlation_coeff_Fo_to_Fc               ? 
_refine.correlation_coeff_Fo_to_Fc_free          ? 
_refine.overall_SU_R_Cruickshank_DPI             ? 
_refine.overall_SU_R_free                        ? 
_refine.pdbx_refine_id                           'X-RAY DIFFRACTION' 
_refine.pdbx_diffrn_id                           1 
_refine.pdbx_TLS_residual_ADP_flag               ? 
_refine.pdbx_solvent_vdw_probe_radii             ? 
_refine.pdbx_solvent_ion_probe_radii             ? 
_refine.pdbx_solvent_shrinkage_radii             ? 
_refine.pdbx_overall_phase_error                 ? 
_refine.pdbx_overall_SU_R_free_Cruickshank_DPI   ? 
_refine.pdbx_overall_SU_R_Blow_DPI               ? 
_refine.pdbx_overall_SU_R_free_Blow_DPI          ? 
# 
_refine_hist.pdbx_refine_id                   'X-RAY DIFFRACTION' 
_refine_hist.cycle_id                         LAST 
_refine_hist.pdbx_number_atoms_protein        0 
_refine_hist.pdbx_number_atoms_nucleic_acid   486 
_refine_hist.pdbx_number_atoms_ligand         34 
_refine_hist.number_atoms_solvent             12 
_refine_hist.number_atoms_total               532 
_refine_hist.d_res_high                       2.2 
_refine_hist.d_res_low                        8.0 
# 
loop_
_refine_ls_restr.type 
_refine_ls_restr.dev_ideal 
_refine_ls_restr.dev_ideal_target 
_refine_ls_restr.weight 
_refine_ls_restr.number 
_refine_ls_restr.pdbx_refine_id 
_refine_ls_restr.pdbx_restraint_function 
x_bond_d                0.011 ? ? ? 'X-RAY DIFFRACTION' ? 
x_bond_d_na             ?     ? ? ? 'X-RAY DIFFRACTION' ? 
x_bond_d_prot           ?     ? ? ? 'X-RAY DIFFRACTION' ? 
x_angle_d               ?     ? ? ? 'X-RAY DIFFRACTION' ? 
x_angle_d_na            ?     ? ? ? 'X-RAY DIFFRACTION' ? 
x_angle_d_prot          ?     ? ? ? 'X-RAY DIFFRACTION' ? 
x_angle_deg             1.568 ? ? ? 'X-RAY DIFFRACTION' ? 
x_angle_deg_na          ?     ? ? ? 'X-RAY DIFFRACTION' ? 
x_angle_deg_prot        ?     ? ? ? 'X-RAY DIFFRACTION' ? 
x_dihedral_angle_d      ?     ? ? ? 'X-RAY DIFFRACTION' ? 
x_dihedral_angle_d_na   ?     ? ? ? 'X-RAY DIFFRACTION' ? 
x_dihedral_angle_d_prot ?     ? ? ? 'X-RAY DIFFRACTION' ? 
x_improper_angle_d      ?     ? ? ? 'X-RAY DIFFRACTION' ? 
x_improper_angle_d_na   ?     ? ? ? 'X-RAY DIFFRACTION' ? 
x_improper_angle_d_prot ?     ? ? ? 'X-RAY DIFFRACTION' ? 
x_mcbond_it             ?     ? ? ? 'X-RAY DIFFRACTION' ? 
x_mcangle_it            ?     ? ? ? 'X-RAY DIFFRACTION' ? 
x_scbond_it             ?     ? ? ? 'X-RAY DIFFRACTION' ? 
x_scangle_it            ?     ? ? ? 'X-RAY DIFFRACTION' ? 
# 
_struct.entry_id                  447D 
_struct.title                     "5'-D(*CP*GP*CP*GP*AP*AP*TP*TP*CP*GP*CP*G)-3'" 
_struct.pdbx_model_details        ? 
_struct.pdbx_CASP_flag            ? 
_struct.pdbx_model_type_details   ? 
# 
_struct_keywords.entry_id        447D 
_struct_keywords.pdbx_keywords   DNA 
_struct_keywords.text            'B-DNA, MINOR GROOVE BINDING, DNA' 
# 
loop_
_struct_asym.id 
_struct_asym.pdbx_blank_PDB_chainid_flag 
_struct_asym.pdbx_modified 
_struct_asym.entity_id 
_struct_asym.details 
A N N 1 ? 
B N N 1 ? 
C N N 2 ? 
D N N 3 ? 
E N N 3 ? 
# 
_struct_ref.id                         1 
_struct_ref.entity_id                  1 
_struct_ref.db_name                    PDB 
_struct_ref.db_code                    447D 
_struct_ref.pdbx_db_accession          447D 
_struct_ref.pdbx_db_isoform            ? 
_struct_ref.pdbx_seq_one_letter_code   ? 
_struct_ref.pdbx_align_begin           ? 
# 
loop_
_struct_ref_seq.align_id 
_struct_ref_seq.ref_id 
_struct_ref_seq.pdbx_PDB_id_code 
_struct_ref_seq.pdbx_strand_id 
_struct_ref_seq.seq_align_beg 
_struct_ref_seq.pdbx_seq_align_beg_ins_code 
_struct_ref_seq.seq_align_end 
_struct_ref_seq.pdbx_seq_align_end_ins_code 
_struct_ref_seq.pdbx_db_accession 
_struct_ref_seq.db_align_beg 
_struct_ref_seq.pdbx_db_align_beg_ins_code 
_struct_ref_seq.db_align_end 
_struct_ref_seq.pdbx_db_align_end_ins_code 
_struct_ref_seq.pdbx_auth_seq_align_beg 
_struct_ref_seq.pdbx_auth_seq_align_end 
1 1 447D A 1 ? 12 ? 447D 1  ? 12 ? 1  12 
2 1 447D B 1 ? 12 ? 447D 13 ? 24 ? 13 24 
# 
_pdbx_struct_assembly.id                   1 
_pdbx_struct_assembly.details              author_defined_assembly 
_pdbx_struct_assembly.method_details       ? 
_pdbx_struct_assembly.oligomeric_details   dimeric 
_pdbx_struct_assembly.oligomeric_count     2 
# 
_pdbx_struct_assembly_gen.assembly_id       1 
_pdbx_struct_assembly_gen.oper_expression   1 
_pdbx_struct_assembly_gen.asym_id_list      A,B,C,D,E 
# 
_pdbx_struct_oper_list.id                   1 
_pdbx_struct_oper_list.type                 'identity operation' 
_pdbx_struct_oper_list.name                 1_555 
_pdbx_struct_oper_list.symmetry_operation   x,y,z 
_pdbx_struct_oper_list.matrix[1][1]         1.0000000000 
_pdbx_struct_oper_list.matrix[1][2]         0.0000000000 
_pdbx_struct_oper_list.matrix[1][3]         0.0000000000 
_pdbx_struct_oper_list.vector[1]            0.0000000000 
_pdbx_struct_oper_list.matrix[2][1]         0.0000000000 
_pdbx_struct_oper_list.matrix[2][2]         1.0000000000 
_pdbx_struct_oper_list.matrix[2][3]         0.0000000000 
_pdbx_struct_oper_list.vector[2]            0.0000000000 
_pdbx_struct_oper_list.matrix[3][1]         0.0000000000 
_pdbx_struct_oper_list.matrix[3][2]         0.0000000000 
_pdbx_struct_oper_list.matrix[3][3]         1.0000000000 
_pdbx_struct_oper_list.vector[3]            0.0000000000 
# 
_struct_biol.id                    1 
_struct_biol.pdbx_parent_biol_id   ? 
_struct_biol.details               ? 
# 
loop_
_struct_conn.id 
_struct_conn.conn_type_id 
_struct_conn.pdbx_leaving_atom_flag 
_struct_conn.pdbx_PDB_id 
_struct_conn.ptnr1_label_asym_id 
_struct_conn.ptnr1_label_comp_id 
_struct_conn.ptnr1_label_seq_id 
_struct_conn.ptnr1_label_atom_id 
_struct_conn.pdbx_ptnr1_label_alt_id 
_struct_conn.pdbx_ptnr1_PDB_ins_code 
_struct_conn.pdbx_ptnr1_standard_comp_id 
_struct_conn.ptnr1_symmetry 
_struct_conn.ptnr2_label_asym_id 
_struct_conn.ptnr2_label_comp_id 
_struct_conn.ptnr2_label_seq_id 
_struct_conn.ptnr2_label_atom_id 
_struct_conn.pdbx_ptnr2_label_alt_id 
_struct_conn.pdbx_ptnr2_PDB_ins_code 
_struct_conn.ptnr1_auth_asym_id 
_struct_conn.ptnr1_auth_comp_id 
_struct_conn.ptnr1_auth_seq_id 
_struct_conn.ptnr2_auth_asym_id 
_struct_conn.ptnr2_auth_comp_id 
_struct_conn.ptnr2_auth_seq_id 
_struct_conn.ptnr2_symmetry 
_struct_conn.pdbx_ptnr3_label_atom_id 
_struct_conn.pdbx_ptnr3_label_seq_id 
_struct_conn.pdbx_ptnr3_label_comp_id 
_struct_conn.pdbx_ptnr3_label_asym_id 
_struct_conn.pdbx_ptnr3_label_alt_id 
_struct_conn.pdbx_ptnr3_PDB_ins_code 
_struct_conn.details 
_struct_conn.pdbx_dist_value 
_struct_conn.pdbx_value_order 
_struct_conn.pdbx_role 
hydrog1  hydrog ? ? A DC 1  N3 ? ? ? 1_555 B DG 12 N1 ? ? A DC 1  B DG 24 1_555 ? ? ? ? ? ? WATSON-CRICK ? ? ? 
hydrog2  hydrog ? ? A DC 1  N4 ? ? ? 1_555 B DG 12 O6 ? ? A DC 1  B DG 24 1_555 ? ? ? ? ? ? WATSON-CRICK ? ? ? 
hydrog3  hydrog ? ? A DC 1  O2 ? ? ? 1_555 B DG 12 N2 ? ? A DC 1  B DG 24 1_555 ? ? ? ? ? ? WATSON-CRICK ? ? ? 
hydrog4  hydrog ? ? A DG 2  N1 ? ? ? 1_555 B DC 11 N3 ? ? A DG 2  B DC 23 1_555 ? ? ? ? ? ? WATSON-CRICK ? ? ? 
hydrog5  hydrog ? ? A DG 2  N2 ? ? ? 1_555 B DC 11 O2 ? ? A DG 2  B DC 23 1_555 ? ? ? ? ? ? WATSON-CRICK ? ? ? 
hydrog6  hydrog ? ? A DG 2  O6 ? ? ? 1_555 B DC 11 N4 ? ? A DG 2  B DC 23 1_555 ? ? ? ? ? ? WATSON-CRICK ? ? ? 
hydrog7  hydrog ? ? A DC 3  N3 ? ? ? 1_555 B DG 10 N1 ? ? A DC 3  B DG 22 1_555 ? ? ? ? ? ? WATSON-CRICK ? ? ? 
hydrog8  hydrog ? ? A DC 3  N4 ? ? ? 1_555 B DG 10 O6 ? ? A DC 3  B DG 22 1_555 ? ? ? ? ? ? WATSON-CRICK ? ? ? 
hydrog9  hydrog ? ? A DC 3  O2 ? ? ? 1_555 B DG 10 N2 ? ? A DC 3  B DG 22 1_555 ? ? ? ? ? ? WATSON-CRICK ? ? ? 
hydrog10 hydrog ? ? A DG 4  N1 ? ? ? 1_555 B DC 9  N3 ? ? A DG 4  B DC 21 1_555 ? ? ? ? ? ? WATSON-CRICK ? ? ? 
hydrog11 hydrog ? ? A DG 4  N2 ? ? ? 1_555 B DC 9  O2 ? ? A DG 4  B DC 21 1_555 ? ? ? ? ? ? WATSON-CRICK ? ? ? 
hydrog12 hydrog ? ? A DG 4  O6 ? ? ? 1_555 B DC 9  N4 ? ? A DG 4  B DC 21 1_555 ? ? ? ? ? ? WATSON-CRICK ? ? ? 
hydrog13 hydrog ? ? A DA 5  N1 ? ? ? 1_555 B DT 8  N3 ? ? A DA 5  B DT 20 1_555 ? ? ? ? ? ? WATSON-CRICK ? ? ? 
hydrog14 hydrog ? ? A DA 5  N6 ? ? ? 1_555 B DT 8  O4 ? ? A DA 5  B DT 20 1_555 ? ? ? ? ? ? WATSON-CRICK ? ? ? 
hydrog15 hydrog ? ? A DA 6  N1 ? ? ? 1_555 B DT 7  N3 ? ? A DA 6  B DT 19 1_555 ? ? ? ? ? ? WATSON-CRICK ? ? ? 
hydrog16 hydrog ? ? A DA 6  N6 ? ? ? 1_555 B DT 7  O4 ? ? A DA 6  B DT 19 1_555 ? ? ? ? ? ? WATSON-CRICK ? ? ? 
hydrog17 hydrog ? ? A DT 7  N3 ? ? ? 1_555 B DA 6  N1 ? ? A DT 7  B DA 18 1_555 ? ? ? ? ? ? 'DT-DA PAIR' ? ? ? 
hydrog18 hydrog ? ? A DT 8  N3 ? ? ? 1_555 B DA 5  N1 ? ? A DT 8  B DA 17 1_555 ? ? ? ? ? ? WATSON-CRICK ? ? ? 
hydrog19 hydrog ? ? A DT 8  O4 ? ? ? 1_555 B DA 5  N6 ? ? A DT 8  B DA 17 1_555 ? ? ? ? ? ? WATSON-CRICK ? ? ? 
hydrog20 hydrog ? ? A DC 9  N3 ? ? ? 1_555 B DG 4  N1 ? ? A DC 9  B DG 16 1_555 ? ? ? ? ? ? WATSON-CRICK ? ? ? 
hydrog21 hydrog ? ? A DC 9  N4 ? ? ? 1_555 B DG 4  O6 ? ? A DC 9  B DG 16 1_555 ? ? ? ? ? ? WATSON-CRICK ? ? ? 
hydrog22 hydrog ? ? A DC 9  O2 ? ? ? 1_555 B DG 4  N2 ? ? A DC 9  B DG 16 1_555 ? ? ? ? ? ? WATSON-CRICK ? ? ? 
hydrog23 hydrog ? ? A DG 10 N1 ? ? ? 1_555 B DC 3  N3 ? ? A DG 10 B DC 15 1_555 ? ? ? ? ? ? WATSON-CRICK ? ? ? 
hydrog24 hydrog ? ? A DG 10 N2 ? ? ? 1_555 B DC 3  O2 ? ? A DG 10 B DC 15 1_555 ? ? ? ? ? ? WATSON-CRICK ? ? ? 
hydrog25 hydrog ? ? A DG 10 O6 ? ? ? 1_555 B DC 3  N4 ? ? A DG 10 B DC 15 1_555 ? ? ? ? ? ? WATSON-CRICK ? ? ? 
hydrog26 hydrog ? ? A DC 11 N3 ? ? ? 1_555 B DG 2  N1 ? ? A DC 11 B DG 14 1_555 ? ? ? ? ? ? WATSON-CRICK ? ? ? 
hydrog27 hydrog ? ? A DC 11 N4 ? ? ? 1_555 B DG 2  O6 ? ? A DC 11 B DG 14 1_555 ? ? ? ? ? ? WATSON-CRICK ? ? ? 
hydrog28 hydrog ? ? A DC 11 O2 ? ? ? 1_555 B DG 2  N2 ? ? A DC 11 B DG 14 1_555 ? ? ? ? ? ? WATSON-CRICK ? ? ? 
hydrog29 hydrog ? ? A DG 12 N1 ? ? ? 1_555 B DC 1  N3 ? ? A DG 12 B DC 13 1_555 ? ? ? ? ? ? WATSON-CRICK ? ? ? 
hydrog30 hydrog ? ? A DG 12 N2 ? ? ? 1_555 B DC 1  O2 ? ? A DG 12 B DC 13 1_555 ? ? ? ? ? ? WATSON-CRICK ? ? ? 
hydrog31 hydrog ? ? A DG 12 O6 ? ? ? 1_555 B DC 1  N4 ? ? A DG 12 B DC 13 1_555 ? ? ? ? ? ? WATSON-CRICK ? ? ? 
# 
_struct_conn_type.id          hydrog 
_struct_conn_type.criteria    ? 
_struct_conn_type.reference   ? 
# 
loop_
_struct_site.id 
_struct_site.pdbx_evidence_code 
_struct_site.pdbx_auth_asym_id 
_struct_site.pdbx_auth_comp_id 
_struct_site.pdbx_auth_seq_id 
_struct_site.pdbx_auth_ins_code 
_struct_site.pdbx_num_residues 
_struct_site.details 
AC1 Software B BBZ 25 ? 9 'BINDING SITE FOR RESIDUE BBZ B 25' 
1   ?        ? ?   ?  ? ? ?                                   
# 
loop_
_struct_site_gen.id 
_struct_site_gen.site_id 
_struct_site_gen.pdbx_num_res 
_struct_site_gen.label_comp_id 
_struct_site_gen.label_asym_id 
_struct_site_gen.label_seq_id 
_struct_site_gen.pdbx_auth_ins_code 
_struct_site_gen.auth_comp_id 
_struct_site_gen.auth_asym_id 
_struct_site_gen.auth_seq_id 
_struct_site_gen.label_atom_id 
_struct_site_gen.label_alt_id 
_struct_site_gen.symmetry 
_struct_site_gen.details 
1 AC1 9 DA A 5 ? DA A 5  . ? 1_555 ? 
2 AC1 9 DA A 6 ? DA A 6  . ? 1_555 ? 
3 AC1 9 DT A 7 ? DT A 7  . ? 1_555 ? 
4 AC1 9 DT A 8 ? DT A 8  . ? 1_555 ? 
5 AC1 9 DC A 9 ? DC A 9  . ? 1_555 ? 
6 AC1 9 DA B 6 ? DA B 18 . ? 1_555 ? 
7 AC1 9 DT B 7 ? DT B 19 . ? 1_555 ? 
8 AC1 9 DT B 8 ? DT B 20 . ? 1_555 ? 
9 AC1 9 DC B 9 ? DC B 21 . ? 1_555 ? 
# 
_struct_site_keywords.site_id   1 
_struct_site_keywords.text      'MINOR GROOVE BINDER' 
# 
loop_
_chem_comp_atom.comp_id 
_chem_comp_atom.atom_id 
_chem_comp_atom.type_symbol 
_chem_comp_atom.pdbx_aromatic_flag 
_chem_comp_atom.pdbx_stereo_config 
_chem_comp_atom.pdbx_ordinal 
BBZ C      C Y N 1   
BBZ C1     C Y N 2   
BBZ C2     C Y N 3   
BBZ C3     C Y N 4   
BBZ C4     C Y N 5   
BBZ C5     C Y N 6   
BBZ N      N N N 7   
BBZ C6     C Y N 8   
BBZ C7     C Y N 9   
BBZ C8     C Y N 10  
BBZ C9     C Y N 11  
BBZ C10    C Y N 12  
BBZ C11    C Y N 13  
BBZ C12    C Y N 14  
BBZ N1     N Y N 15  
BBZ N2     N Y N 16  
BBZ C13    C Y N 17  
BBZ C14    C Y N 18  
BBZ C15    C Y N 19  
BBZ C16    C Y N 20  
BBZ C17    C Y N 21  
BBZ C18    C Y N 22  
BBZ N3     N Y N 23  
BBZ N4     N Y N 24  
BBZ C19    C Y N 25  
BBZ N5     N N N 26  
BBZ N6     N N N 27  
BBZ C20    C N N 28  
BBZ C21    C N N 29  
BBZ C22    C N N 30  
BBZ C23    C N N 31  
BBZ C24    C N N 32  
BBZ CN1    C N N 33  
BBZ CN2    C N N 34  
BBZ H2     H N N 35  
BBZ H3     H N N 36  
BBZ H4     H N N 37  
BBZ H5     H N N 38  
BBZ H9     H N N 39  
BBZ H10    H N N 40  
BBZ H12    H N N 41  
BBZ HN2    H N N 42  
BBZ H16    H N N 43  
BBZ H17    H N N 44  
BBZ HN4    H N N 45  
BBZ H19    H N N 46  
BBZ H201   H N N 47  
BBZ H202   H N N 48  
BBZ H211   H N N 49  
BBZ H212   H N N 50  
BBZ H221   H N N 51  
BBZ H222   H N N 52  
BBZ H231   H N N 53  
BBZ H232   H N N 54  
BBZ H241   H N N 55  
BBZ H242   H N N 56  
BBZ H243   H N N 57  
BBZ HN11   H N N 58  
BBZ HN12   H N N 59  
BBZ HN13   H N N 60  
BBZ HN21   H N N 61  
BBZ HN22   H N N 62  
BBZ HN23   H N N 63  
DA  OP3    O N N 64  
DA  P      P N N 65  
DA  OP1    O N N 66  
DA  OP2    O N N 67  
DA  "O5'"  O N N 68  
DA  "C5'"  C N N 69  
DA  "C4'"  C N R 70  
DA  "O4'"  O N N 71  
DA  "C3'"  C N S 72  
DA  "O3'"  O N N 73  
DA  "C2'"  C N N 74  
DA  "C1'"  C N R 75  
DA  N9     N Y N 76  
DA  C8     C Y N 77  
DA  N7     N Y N 78  
DA  C5     C Y N 79  
DA  C6     C Y N 80  
DA  N6     N N N 81  
DA  N1     N Y N 82  
DA  C2     C Y N 83  
DA  N3     N Y N 84  
DA  C4     C Y N 85  
DA  HOP3   H N N 86  
DA  HOP2   H N N 87  
DA  "H5'"  H N N 88  
DA  "H5''" H N N 89  
DA  "H4'"  H N N 90  
DA  "H3'"  H N N 91  
DA  "HO3'" H N N 92  
DA  "H2'"  H N N 93  
DA  "H2''" H N N 94  
DA  "H1'"  H N N 95  
DA  H8     H N N 96  
DA  H61    H N N 97  
DA  H62    H N N 98  
DA  H2     H N N 99  
DC  OP3    O N N 100 
DC  P      P N N 101 
DC  OP1    O N N 102 
DC  OP2    O N N 103 
DC  "O5'"  O N N 104 
DC  "C5'"  C N N 105 
DC  "C4'"  C N R 106 
DC  "O4'"  O N N 107 
DC  "C3'"  C N S 108 
DC  "O3'"  O N N 109 
DC  "C2'"  C N N 110 
DC  "C1'"  C N R 111 
DC  N1     N N N 112 
DC  C2     C N N 113 
DC  O2     O N N 114 
DC  N3     N N N 115 
DC  C4     C N N 116 
DC  N4     N N N 117 
DC  C5     C N N 118 
DC  C6     C N N 119 
DC  HOP3   H N N 120 
DC  HOP2   H N N 121 
DC  "H5'"  H N N 122 
DC  "H5''" H N N 123 
DC  "H4'"  H N N 124 
DC  "H3'"  H N N 125 
DC  "HO3'" H N N 126 
DC  "H2'"  H N N 127 
DC  "H2''" H N N 128 
DC  "H1'"  H N N 129 
DC  H41    H N N 130 
DC  H42    H N N 131 
DC  H5     H N N 132 
DC  H6     H N N 133 
DG  OP3    O N N 134 
DG  P      P N N 135 
DG  OP1    O N N 136 
DG  OP2    O N N 137 
DG  "O5'"  O N N 138 
DG  "C5'"  C N N 139 
DG  "C4'"  C N R 140 
DG  "O4'"  O N N 141 
DG  "C3'"  C N S 142 
DG  "O3'"  O N N 143 
DG  "C2'"  C N N 144 
DG  "C1'"  C N R 145 
DG  N9     N Y N 146 
DG  C8     C Y N 147 
DG  N7     N Y N 148 
DG  C5     C Y N 149 
DG  C6     C N N 150 
DG  O6     O N N 151 
DG  N1     N N N 152 
DG  C2     C N N 153 
DG  N2     N N N 154 
DG  N3     N N N 155 
DG  C4     C Y N 156 
DG  HOP3   H N N 157 
DG  HOP2   H N N 158 
DG  "H5'"  H N N 159 
DG  "H5''" H N N 160 
DG  "H4'"  H N N 161 
DG  "H3'"  H N N 162 
DG  "HO3'" H N N 163 
DG  "H2'"  H N N 164 
DG  "H2''" H N N 165 
DG  "H1'"  H N N 166 
DG  H8     H N N 167 
DG  H1     H N N 168 
DG  H21    H N N 169 
DG  H22    H N N 170 
DT  OP3    O N N 171 
DT  P      P N N 172 
DT  OP1    O N N 173 
DT  OP2    O N N 174 
DT  "O5'"  O N N 175 
DT  "C5'"  C N N 176 
DT  "C4'"  C N R 177 
DT  "O4'"  O N N 178 
DT  "C3'"  C N S 179 
DT  "O3'"  O N N 180 
DT  "C2'"  C N N 181 
DT  "C1'"  C N R 182 
DT  N1     N N N 183 
DT  C2     C N N 184 
DT  O2     O N N 185 
DT  N3     N N N 186 
DT  C4     C N N 187 
DT  O4     O N N 188 
DT  C5     C N N 189 
DT  C7     C N N 190 
DT  C6     C N N 191 
DT  HOP3   H N N 192 
DT  HOP2   H N N 193 
DT  "H5'"  H N N 194 
DT  "H5''" H N N 195 
DT  "H4'"  H N N 196 
DT  "H3'"  H N N 197 
DT  "HO3'" H N N 198 
DT  "H2'"  H N N 199 
DT  "H2''" H N N 200 
DT  "H1'"  H N N 201 
DT  H3     H N N 202 
DT  H71    H N N 203 
DT  H72    H N N 204 
DT  H73    H N N 205 
DT  H6     H N N 206 
HOH O      O N N 207 
HOH H1     H N N 208 
HOH H2     H N N 209 
# 
loop_
_chem_comp_bond.comp_id 
_chem_comp_bond.atom_id_1 
_chem_comp_bond.atom_id_2 
_chem_comp_bond.value_order 
_chem_comp_bond.pdbx_aromatic_flag 
_chem_comp_bond.pdbx_stereo_config 
_chem_comp_bond.pdbx_ordinal 
BBZ C     C2     doub Y N 1   
BBZ C     C4     sing Y N 2   
BBZ C     N      sing N N 3   
BBZ C1    C3     doub Y N 4   
BBZ C1    C5     sing Y N 5   
BBZ C1    C6     sing Y N 6   
BBZ C2    C3     sing Y N 7   
BBZ C2    H2     sing N N 8   
BBZ C3    H3     sing N N 9   
BBZ C4    C5     doub Y N 10  
BBZ C4    H4     sing N N 11  
BBZ C5    H5     sing N N 12  
BBZ N     CN1    sing N N 13  
BBZ N     CN2    sing N N 14  
BBZ C6    N1     doub Y N 15  
BBZ C6    N2     sing Y N 16  
BBZ C7    C8     doub Y N 17  
BBZ C7    C12    sing Y N 18  
BBZ C7    N1     sing Y N 19  
BBZ C8    C9     sing Y N 20  
BBZ C8    N2     sing Y N 21  
BBZ C9    C10    doub Y N 22  
BBZ C9    H9     sing N N 23  
BBZ C10   C11    sing Y N 24  
BBZ C10   H10    sing N N 25  
BBZ C11   C12    doub Y N 26  
BBZ C11   C13    sing Y N 27  
BBZ C12   H12    sing N N 28  
BBZ N2    HN2    sing N N 29  
BBZ C13   N3     doub Y N 30  
BBZ C13   N4     sing Y N 31  
BBZ C14   C15    doub Y N 32  
BBZ C14   N3     sing Y N 33  
BBZ C14   C19    sing Y N 34  
BBZ C15   C16    sing Y N 35  
BBZ C15   N4     sing Y N 36  
BBZ C16   C17    doub Y N 37  
BBZ C16   H16    sing N N 38  
BBZ C17   C18    sing Y N 39  
BBZ C17   H17    sing N N 40  
BBZ C18   C19    doub Y N 41  
BBZ C18   N5     sing N N 42  
BBZ N4    HN4    sing N N 43  
BBZ C19   H19    sing N N 44  
BBZ N5    C20    sing N N 45  
BBZ N5    C23    sing N N 46  
BBZ N6    C21    sing N N 47  
BBZ N6    C22    sing N N 48  
BBZ N6    C24    sing N N 49  
BBZ C20   C21    sing N N 50  
BBZ C20   H201   sing N N 51  
BBZ C20   H202   sing N N 52  
BBZ C21   H211   sing N N 53  
BBZ C21   H212   sing N N 54  
BBZ C22   C23    sing N N 55  
BBZ C22   H221   sing N N 56  
BBZ C22   H222   sing N N 57  
BBZ C23   H231   sing N N 58  
BBZ C23   H232   sing N N 59  
BBZ C24   H241   sing N N 60  
BBZ C24   H242   sing N N 61  
BBZ C24   H243   sing N N 62  
BBZ CN1   HN11   sing N N 63  
BBZ CN1   HN12   sing N N 64  
BBZ CN1   HN13   sing N N 65  
BBZ CN2   HN21   sing N N 66  
BBZ CN2   HN22   sing N N 67  
BBZ CN2   HN23   sing N N 68  
DA  OP3   P      sing N N 69  
DA  OP3   HOP3   sing N N 70  
DA  P     OP1    doub N N 71  
DA  P     OP2    sing N N 72  
DA  P     "O5'"  sing N N 73  
DA  OP2   HOP2   sing N N 74  
DA  "O5'" "C5'"  sing N N 75  
DA  "C5'" "C4'"  sing N N 76  
DA  "C5'" "H5'"  sing N N 77  
DA  "C5'" "H5''" sing N N 78  
DA  "C4'" "O4'"  sing N N 79  
DA  "C4'" "C3'"  sing N N 80  
DA  "C4'" "H4'"  sing N N 81  
DA  "O4'" "C1'"  sing N N 82  
DA  "C3'" "O3'"  sing N N 83  
DA  "C3'" "C2'"  sing N N 84  
DA  "C3'" "H3'"  sing N N 85  
DA  "O3'" "HO3'" sing N N 86  
DA  "C2'" "C1'"  sing N N 87  
DA  "C2'" "H2'"  sing N N 88  
DA  "C2'" "H2''" sing N N 89  
DA  "C1'" N9     sing N N 90  
DA  "C1'" "H1'"  sing N N 91  
DA  N9    C8     sing Y N 92  
DA  N9    C4     sing Y N 93  
DA  C8    N7     doub Y N 94  
DA  C8    H8     sing N N 95  
DA  N7    C5     sing Y N 96  
DA  C5    C6     sing Y N 97  
DA  C5    C4     doub Y N 98  
DA  C6    N6     sing N N 99  
DA  C6    N1     doub Y N 100 
DA  N6    H61    sing N N 101 
DA  N6    H62    sing N N 102 
DA  N1    C2     sing Y N 103 
DA  C2    N3     doub Y N 104 
DA  C2    H2     sing N N 105 
DA  N3    C4     sing Y N 106 
DC  OP3   P      sing N N 107 
DC  OP3   HOP3   sing N N 108 
DC  P     OP1    doub N N 109 
DC  P     OP2    sing N N 110 
DC  P     "O5'"  sing N N 111 
DC  OP2   HOP2   sing N N 112 
DC  "O5'" "C5'"  sing N N 113 
DC  "C5'" "C4'"  sing N N 114 
DC  "C5'" "H5'"  sing N N 115 
DC  "C5'" "H5''" sing N N 116 
DC  "C4'" "O4'"  sing N N 117 
DC  "C4'" "C3'"  sing N N 118 
DC  "C4'" "H4'"  sing N N 119 
DC  "O4'" "C1'"  sing N N 120 
DC  "C3'" "O3'"  sing N N 121 
DC  "C3'" "C2'"  sing N N 122 
DC  "C3'" "H3'"  sing N N 123 
DC  "O3'" "HO3'" sing N N 124 
DC  "C2'" "C1'"  sing N N 125 
DC  "C2'" "H2'"  sing N N 126 
DC  "C2'" "H2''" sing N N 127 
DC  "C1'" N1     sing N N 128 
DC  "C1'" "H1'"  sing N N 129 
DC  N1    C2     sing N N 130 
DC  N1    C6     sing N N 131 
DC  C2    O2     doub N N 132 
DC  C2    N3     sing N N 133 
DC  N3    C4     doub N N 134 
DC  C4    N4     sing N N 135 
DC  C4    C5     sing N N 136 
DC  N4    H41    sing N N 137 
DC  N4    H42    sing N N 138 
DC  C5    C6     doub N N 139 
DC  C5    H5     sing N N 140 
DC  C6    H6     sing N N 141 
DG  OP3   P      sing N N 142 
DG  OP3   HOP3   sing N N 143 
DG  P     OP1    doub N N 144 
DG  P     OP2    sing N N 145 
DG  P     "O5'"  sing N N 146 
DG  OP2   HOP2   sing N N 147 
DG  "O5'" "C5'"  sing N N 148 
DG  "C5'" "C4'"  sing N N 149 
DG  "C5'" "H5'"  sing N N 150 
DG  "C5'" "H5''" sing N N 151 
DG  "C4'" "O4'"  sing N N 152 
DG  "C4'" "C3'"  sing N N 153 
DG  "C4'" "H4'"  sing N N 154 
DG  "O4'" "C1'"  sing N N 155 
DG  "C3'" "O3'"  sing N N 156 
DG  "C3'" "C2'"  sing N N 157 
DG  "C3'" "H3'"  sing N N 158 
DG  "O3'" "HO3'" sing N N 159 
DG  "C2'" "C1'"  sing N N 160 
DG  "C2'" "H2'"  sing N N 161 
DG  "C2'" "H2''" sing N N 162 
DG  "C1'" N9     sing N N 163 
DG  "C1'" "H1'"  sing N N 164 
DG  N9    C8     sing Y N 165 
DG  N9    C4     sing Y N 166 
DG  C8    N7     doub Y N 167 
DG  C8    H8     sing N N 168 
DG  N7    C5     sing Y N 169 
DG  C5    C6     sing N N 170 
DG  C5    C4     doub Y N 171 
DG  C6    O6     doub N N 172 
DG  C6    N1     sing N N 173 
DG  N1    C2     sing N N 174 
DG  N1    H1     sing N N 175 
DG  C2    N2     sing N N 176 
DG  C2    N3     doub N N 177 
DG  N2    H21    sing N N 178 
DG  N2    H22    sing N N 179 
DG  N3    C4     sing N N 180 
DT  OP3   P      sing N N 181 
DT  OP3   HOP3   sing N N 182 
DT  P     OP1    doub N N 183 
DT  P     OP2    sing N N 184 
DT  P     "O5'"  sing N N 185 
DT  OP2   HOP2   sing N N 186 
DT  "O5'" "C5'"  sing N N 187 
DT  "C5'" "C4'"  sing N N 188 
DT  "C5'" "H5'"  sing N N 189 
DT  "C5'" "H5''" sing N N 190 
DT  "C4'" "O4'"  sing N N 191 
DT  "C4'" "C3'"  sing N N 192 
DT  "C4'" "H4'"  sing N N 193 
DT  "O4'" "C1'"  sing N N 194 
DT  "C3'" "O3'"  sing N N 195 
DT  "C3'" "C2'"  sing N N 196 
DT  "C3'" "H3'"  sing N N 197 
DT  "O3'" "HO3'" sing N N 198 
DT  "C2'" "C1'"  sing N N 199 
DT  "C2'" "H2'"  sing N N 200 
DT  "C2'" "H2''" sing N N 201 
DT  "C1'" N1     sing N N 202 
DT  "C1'" "H1'"  sing N N 203 
DT  N1    C2     sing N N 204 
DT  N1    C6     sing N N 205 
DT  C2    O2     doub N N 206 
DT  C2    N3     sing N N 207 
DT  N3    C4     sing N N 208 
DT  N3    H3     sing N N 209 
DT  C4    O4     doub N N 210 
DT  C4    C5     sing N N 211 
DT  C5    C7     sing N N 212 
DT  C5    C6     doub N N 213 
DT  C7    H71    sing N N 214 
DT  C7    H72    sing N N 215 
DT  C7    H73    sing N N 216 
DT  C6    H6     sing N N 217 
HOH O     H1     sing N N 218 
HOH O     H2     sing N N 219 
# 
_ndb_struct_conf_na.entry_id   447D 
_ndb_struct_conf_na.feature    'b-form double helix' 
# 
loop_
_ndb_struct_na_base_pair.model_number 
_ndb_struct_na_base_pair.i_label_asym_id 
_ndb_struct_na_base_pair.i_label_comp_id 
_ndb_struct_na_base_pair.i_label_seq_id 
_ndb_struct_na_base_pair.i_symmetry 
_ndb_struct_na_base_pair.j_label_asym_id 
_ndb_struct_na_base_pair.j_label_comp_id 
_ndb_struct_na_base_pair.j_label_seq_id 
_ndb_struct_na_base_pair.j_symmetry 
_ndb_struct_na_base_pair.shear 
_ndb_struct_na_base_pair.stretch 
_ndb_struct_na_base_pair.stagger 
_ndb_struct_na_base_pair.buckle 
_ndb_struct_na_base_pair.propeller 
_ndb_struct_na_base_pair.opening 
_ndb_struct_na_base_pair.pair_number 
_ndb_struct_na_base_pair.pair_name 
_ndb_struct_na_base_pair.i_auth_asym_id 
_ndb_struct_na_base_pair.i_auth_seq_id 
_ndb_struct_na_base_pair.i_PDB_ins_code 
_ndb_struct_na_base_pair.j_auth_asym_id 
_ndb_struct_na_base_pair.j_auth_seq_id 
_ndb_struct_na_base_pair.j_PDB_ins_code 
_ndb_struct_na_base_pair.hbond_type_28 
_ndb_struct_na_base_pair.hbond_type_12 
1 A DC 1  1_555 B DG 12 1_555 0.361  -0.144 0.465  -8.242 -3.290  -0.280 1  A_DC1:DG24_B  A 1  ? B 24 ? 19 1 
1 A DG 2  1_555 B DC 11 1_555 -0.064 -0.375 -0.176 -4.945 -6.561  -4.490 2  A_DG2:DC23_B  A 2  ? B 23 ? 19 1 
1 A DC 3  1_555 B DG 10 1_555 -0.109 -0.118 -0.012 2.823  -2.336  -1.990 3  A_DC3:DG22_B  A 3  ? B 22 ? 19 1 
1 A DG 4  1_555 B DC 9  1_555 0.001  -0.104 0.081  10.912 -9.719  1.438  4  A_DG4:DC21_B  A 4  ? B 21 ? 19 1 
1 A DA 5  1_555 B DT 8  1_555 0.348  -0.073 0.124  10.694 -17.570 3.588  5  A_DA5:DT20_B  A 5  ? B 20 ? 20 1 
1 A DA 6  1_555 B DT 7  1_555 -0.011 -0.229 -0.044 -1.593 -22.064 17.584 6  A_DA6:DT19_B  A 6  ? B 19 ? 20 1 
1 A DT 7  1_555 B DA 6  1_555 -0.466 0.172  0.113  -0.990 -26.379 8.732  7  A_DT7:DA18_B  A 7  ? B 18 ? ?  ? 
1 A DT 8  1_555 B DA 5  1_555 0.209  -0.094 0.388  -7.344 -13.317 5.182  8  A_DT8:DA17_B  A 8  ? B 17 ? 20 1 
1 A DC 9  1_555 B DG 4  1_555 0.309  -0.269 0.157  -6.601 -0.048  1.674  9  A_DC9:DG16_B  A 9  ? B 16 ? 19 1 
1 A DG 10 1_555 B DC 3  1_555 0.255  -0.271 0.283  7.304  -3.987  -5.486 10 A_DG10:DC15_B A 10 ? B 15 ? 19 1 
1 A DC 11 1_555 B DG 2  1_555 -0.045 -0.199 0.243  5.659  -14.253 -9.975 11 A_DC11:DG14_B A 11 ? B 14 ? 19 1 
1 A DG 12 1_555 B DC 1  1_555 -0.152 -0.495 -0.312 2.840  7.682   -4.807 12 A_DG12:DC13_B A 12 ? B 13 ? 19 1 
# 
loop_
_ndb_struct_na_base_pair_step.model_number 
_ndb_struct_na_base_pair_step.i_label_asym_id_1 
_ndb_struct_na_base_pair_step.i_label_comp_id_1 
_ndb_struct_na_base_pair_step.i_label_seq_id_1 
_ndb_struct_na_base_pair_step.i_symmetry_1 
_ndb_struct_na_base_pair_step.j_label_asym_id_1 
_ndb_struct_na_base_pair_step.j_label_comp_id_1 
_ndb_struct_na_base_pair_step.j_label_seq_id_1 
_ndb_struct_na_base_pair_step.j_symmetry_1 
_ndb_struct_na_base_pair_step.i_label_asym_id_2 
_ndb_struct_na_base_pair_step.i_label_comp_id_2 
_ndb_struct_na_base_pair_step.i_label_seq_id_2 
_ndb_struct_na_base_pair_step.i_symmetry_2 
_ndb_struct_na_base_pair_step.j_label_asym_id_2 
_ndb_struct_na_base_pair_step.j_label_comp_id_2 
_ndb_struct_na_base_pair_step.j_label_seq_id_2 
_ndb_struct_na_base_pair_step.j_symmetry_2 
_ndb_struct_na_base_pair_step.shift 
_ndb_struct_na_base_pair_step.slide 
_ndb_struct_na_base_pair_step.rise 
_ndb_struct_na_base_pair_step.tilt 
_ndb_struct_na_base_pair_step.roll 
_ndb_struct_na_base_pair_step.twist 
_ndb_struct_na_base_pair_step.x_displacement 
_ndb_struct_na_base_pair_step.y_displacement 
_ndb_struct_na_base_pair_step.helical_rise 
_ndb_struct_na_base_pair_step.inclination 
_ndb_struct_na_base_pair_step.tip 
_ndb_struct_na_base_pair_step.helical_twist 
_ndb_struct_na_base_pair_step.step_number 
_ndb_struct_na_base_pair_step.step_name 
_ndb_struct_na_base_pair_step.i_auth_asym_id_1 
_ndb_struct_na_base_pair_step.i_auth_seq_id_1 
_ndb_struct_na_base_pair_step.i_PDB_ins_code_1 
_ndb_struct_na_base_pair_step.j_auth_asym_id_1 
_ndb_struct_na_base_pair_step.j_auth_seq_id_1 
_ndb_struct_na_base_pair_step.j_PDB_ins_code_1 
_ndb_struct_na_base_pair_step.i_auth_asym_id_2 
_ndb_struct_na_base_pair_step.i_auth_seq_id_2 
_ndb_struct_na_base_pair_step.i_PDB_ins_code_2 
_ndb_struct_na_base_pair_step.j_auth_asym_id_2 
_ndb_struct_na_base_pair_step.j_auth_seq_id_2 
_ndb_struct_na_base_pair_step.j_PDB_ins_code_2 
1 A DC 1  1_555 B DG 12 1_555 A DG 2  1_555 B DC 11 1_555 -0.169 0.467  3.226 7.307  4.836  36.395 0.097  1.218  3.169 7.608  
-11.494 37.401 1  AA_DC1DG2:DC23DG24_BB   A 1  ? B 24 ? A 2  ? B 23 ? 
1 A DG 2  1_555 B DC 11 1_555 A DC 3  1_555 B DG 10 1_555 0.979  0.434  3.147 2.618  -5.105 35.879 1.383  -1.218 3.120 -8.222 
-4.217  36.320 2  AA_DG2DC3:DG22DC23_BB   A 2  ? B 23 ? A 3  ? B 22 ? 
1 A DC 3  1_555 B DG 10 1_555 A DG 4  1_555 B DC 9  1_555 -0.147 0.956  3.336 1.387  1.730  33.109 1.376  0.496  3.371 3.031  
-2.431  33.181 3  AA_DC3DG4:DC21DG22_BB   A 3  ? B 22 ? A 4  ? B 21 ? 
1 A DG 4  1_555 B DC 9  1_555 A DA 5  1_555 B DT 8  1_555 -0.123 -0.248 3.258 -1.983 1.361  38.232 -0.548 -0.061 3.250 2.075  
3.024   38.305 4  AA_DG4DA5:DT20DC21_BB   A 4  ? B 21 ? A 5  ? B 20 ? 
1 A DA 5  1_555 B DT 8  1_555 A DA 6  1_555 B DT 7  1_555 0.421  -0.116 3.550 2.195  7.672  35.094 -1.376 -0.341 3.468 12.523 
-3.583  35.962 5  AA_DA5DA6:DT19DT20_BB   A 5  ? B 20 ? A 6  ? B 19 ? 
1 A DA 6  1_555 B DT 7  1_555 A DT 7  1_555 B DA 6  1_555 -0.460 -0.307 3.042 -2.718 0.221  30.973 -0.612 0.371  3.067 0.412  
5.077   31.090 6  AA_DA6DT7:DA18DT19_BB   A 6  ? B 19 ? A 7  ? B 18 ? 
1 A DT 7  1_555 B DA 6  1_555 A DT 8  1_555 B DA 5  1_555 0.030  -0.024 3.493 -0.809 4.267  39.851 -0.556 -0.142 3.471 6.237  
1.183   40.077 7  AA_DT7DT8:DA17DA18_BB   A 7  ? B 18 ? A 8  ? B 17 ? 
1 A DT 8  1_555 B DA 5  1_555 A DC 9  1_555 B DG 4  1_555 0.666  1.329  3.513 3.805  -1.510 34.749 2.456  -0.490 3.505 -2.517 
-6.344  34.982 8  AA_DT8DC9:DG16DA17_BB   A 8  ? B 17 ? A 9  ? B 16 ? 
1 A DC 9  1_555 B DG 4  1_555 A DG 10 1_555 B DC 3  1_555 -0.527 1.550  3.191 -0.829 0.297  34.889 2.541  0.756  3.215 0.496  
1.382   34.900 9  AA_DC9DG10:DC15DG16_BB  A 9  ? B 16 ? A 10 ? B 15 ? 
1 A DG 10 1_555 B DC 3  1_555 A DC 11 1_555 B DG 2  1_555 -0.443 0.582  3.386 -2.440 -3.238 35.153 1.451  0.358  3.343 -5.339 
4.024   35.379 10 AA_DG10DC11:DG14DC15_BB A 10 ? B 15 ? A 11 ? B 14 ? 
1 A DC 11 1_555 B DG 2  1_555 A DG 12 1_555 B DC 1  1_555 0.578  0.681  3.694 2.271  -4.725 39.930 1.589  -0.552 3.620 -6.883 
-3.308  40.259 11 AA_DC11DG12:DC13DG14_BB A 11 ? B 14 ? A 12 ? B 13 ? 
# 
_atom_sites.entry_id                    447D 
_atom_sites.fract_transf_matrix[1][1]   0.01201709 
_atom_sites.fract_transf_matrix[1][2]   0.01546467 
_atom_sites.fract_transf_matrix[1][3]   0.03646435 
_atom_sites.fract_transf_matrix[2][1]   0.01567701 
_atom_sites.fract_transf_matrix[2][2]   0.01660270 
_atom_sites.fract_transf_matrix[2][3]   -0.01220774 
_atom_sites.fract_transf_matrix[3][1]   -0.01160388 
_atom_sites.fract_transf_matrix[3][2]   0.01049576 
_atom_sites.fract_transf_matrix[3][3]   -0.00062715 
_atom_sites.fract_transf_vector[1]      0.564078 
_atom_sites.fract_transf_vector[2]      0.541830 
_atom_sites.fract_transf_vector[3]      0.113992 
# 
loop_
_atom_type.symbol 
C 
N 
O 
P 
# 
loop_
_atom_site.group_PDB 
_atom_site.id 
_atom_site.type_symbol 
_atom_site.label_atom_id 
_atom_site.label_alt_id 
_atom_site.label_comp_id 
_atom_site.label_asym_id 
_atom_site.label_entity_id 
_atom_site.label_seq_id 
_atom_site.pdbx_PDB_ins_code 
_atom_site.Cartn_x 
_atom_site.Cartn_y 
_atom_site.Cartn_z 
_atom_site.occupancy 
_atom_site.B_iso_or_equiv 
_atom_site.pdbx_formal_charge 
_atom_site.auth_seq_id 
_atom_site.auth_comp_id 
_atom_site.auth_asym_id 
_atom_site.auth_atom_id 
_atom_site.pdbx_PDB_model_num 
ATOM   1   O "O5'" . DC  A 1 1  ? -4.179  21.074  -2.746  1.00 37.07 ? 1  DC  A "O5'" 1 
ATOM   2   C "C5'" . DC  A 1 1  ? -3.108  21.553  -1.930  1.00 25.81 ? 1  DC  A "C5'" 1 
ATOM   3   C "C4'" . DC  A 1 1  ? -3.293  21.095  -0.505  1.00 26.64 ? 1  DC  A "C4'" 1 
ATOM   4   O "O4'" . DC  A 1 1  ? -4.579  20.440  -0.394  1.00 24.42 ? 1  DC  A "O4'" 1 
ATOM   5   C "C3'" . DC  A 1 1  ? -2.261  20.071  -0.047  1.00 28.73 ? 1  DC  A "C3'" 1 
ATOM   6   O "O3'" . DC  A 1 1  ? -1.909  20.308  1.316   1.00 32.07 ? 1  DC  A "O3'" 1 
ATOM   7   C "C2'" . DC  A 1 1  ? -2.972  18.739  -0.213  1.00 24.55 ? 1  DC  A "C2'" 1 
ATOM   8   C "C1'" . DC  A 1 1  ? -4.427  19.090  0.023   1.00 22.21 ? 1  DC  A "C1'" 1 
ATOM   9   N N1    . DC  A 1 1  ? -5.379  18.274  -0.756  1.00 22.60 ? 1  DC  A N1    1 
ATOM   10  C C2    . DC  A 1 1  ? -6.368  17.541  -0.079  1.00 22.17 ? 1  DC  A C2    1 
ATOM   11  O O2    . DC  A 1 1  ? -6.404  17.578  1.156   1.00 25.43 ? 1  DC  A O2    1 
ATOM   12  N N3    . DC  A 1 1  ? -7.254  16.808  -0.791  1.00 17.88 ? 1  DC  A N3    1 
ATOM   13  C C4    . DC  A 1 1  ? -7.176  16.778  -2.118  1.00 17.78 ? 1  DC  A C4    1 
ATOM   14  N N4    . DC  A 1 1  ? -8.075  16.036  -2.785  1.00 9.57  ? 1  DC  A N4    1 
ATOM   15  C C5    . DC  A 1 1  ? -6.174  17.506  -2.830  1.00 19.06 ? 1  DC  A C5    1 
ATOM   16  C C6    . DC  A 1 1  ? -5.305  18.233  -2.117  1.00 16.58 ? 1  DC  A C6    1 
ATOM   17  P P     . DG  A 1 2  ? -0.699  19.484  1.980   1.00 36.59 ? 2  DG  A P     1 
ATOM   18  O OP1   . DG  A 1 2  ? -0.038  20.395  2.944   1.00 38.05 ? 2  DG  A OP1   1 
ATOM   19  O OP2   . DG  A 1 2  ? 0.105   18.832  0.912   1.00 37.05 ? 2  DG  A OP2   1 
ATOM   20  O "O5'" . DG  A 1 2  ? -1.442  18.351  2.809   1.00 31.03 ? 2  DG  A "O5'" 1 
ATOM   21  C "C5'" . DG  A 1 2  ? -2.271  18.708  3.902   1.00 25.98 ? 2  DG  A "C5'" 1 
ATOM   22  C "C4'" . DG  A 1 2  ? -2.685  17.477  4.665   1.00 22.50 ? 2  DG  A "C4'" 1 
ATOM   23  O "O4'" . DG  A 1 2  ? -3.696  16.757  3.919   1.00 20.24 ? 2  DG  A "O4'" 1 
ATOM   24  C "C3'" . DG  A 1 2  ? -1.549  16.490  4.926   1.00 21.23 ? 2  DG  A "C3'" 1 
ATOM   25  O "O3'" . DG  A 1 2  ? -1.676  15.993  6.265   1.00 25.59 ? 2  DG  A "O3'" 1 
ATOM   26  C "C2'" . DG  A 1 2  ? -1.762  15.423  3.862   1.00 18.36 ? 2  DG  A "C2'" 1 
ATOM   27  C "C1'" . DG  A 1 2  ? -3.268  15.434  3.654   1.00 18.21 ? 2  DG  A "C1'" 1 
ATOM   28  N N9    . DG  A 1 2  ? -3.708  15.100  2.307   1.00 13.24 ? 2  DG  A N9    1 
ATOM   29  C C8    . DG  A 1 2  ? -3.057  15.370  1.129   1.00 19.12 ? 2  DG  A C8    1 
ATOM   30  N N7    . DG  A 1 2  ? -3.719  14.975  0.073   1.00 17.44 ? 2  DG  A N7    1 
ATOM   31  C C5    . DG  A 1 2  ? -4.873  14.403  0.587   1.00 10.62 ? 2  DG  A C5    1 
ATOM   32  C C6    . DG  A 1 2  ? -5.982  13.804  -0.076  1.00 9.00  ? 2  DG  A C6    1 
ATOM   33  O O6    . DG  A 1 2  ? -6.168  13.654  -1.285  1.00 8.88  ? 2  DG  A O6    1 
ATOM   34  N N1    . DG  A 1 2  ? -6.933  13.351  0.828   1.00 6.85  ? 2  DG  A N1    1 
ATOM   35  C C2    . DG  A 1 2  ? -6.831  13.453  2.195   1.00 9.03  ? 2  DG  A C2    1 
ATOM   36  N N2    . DG  A 1 2  ? -7.833  12.930  2.904   1.00 6.07  ? 2  DG  A N2    1 
ATOM   37  N N3    . DG  A 1 2  ? -5.816  14.017  2.821   1.00 12.32 ? 2  DG  A N3    1 
ATOM   38  C C4    . DG  A 1 2  ? -4.878  14.466  1.964   1.00 11.41 ? 2  DG  A C4    1 
ATOM   39  P P     . DC  A 1 3  ? -0.615  14.929  6.855   1.00 22.86 ? 3  DC  A P     1 
ATOM   40  O OP1   . DC  A 1 3  ? -0.175  15.432  8.184   1.00 22.66 ? 3  DC  A OP1   1 
ATOM   41  O OP2   . DC  A 1 3  ? 0.402   14.591  5.826   1.00 24.12 ? 3  DC  A OP2   1 
ATOM   42  O "O5'" . DC  A 1 3  ? -1.532  13.655  7.090   1.00 18.37 ? 3  DC  A "O5'" 1 
ATOM   43  C "C5'" . DC  A 1 3  ? -2.945  13.819  7.134   1.00 22.63 ? 3  DC  A "C5'" 1 
ATOM   44  C "C4'" . DC  A 1 3  ? -3.636  12.486  7.030   1.00 17.22 ? 3  DC  A "C4'" 1 
ATOM   45  O "O4'" . DC  A 1 3  ? -4.117  12.299  5.676   1.00 14.66 ? 3  DC  A "O4'" 1 
ATOM   46  C "C3'" . DC  A 1 3  ? -2.724  11.305  7.341   1.00 15.79 ? 3  DC  A "C3'" 1 
ATOM   47  O "O3'" . DC  A 1 3  ? -3.430  10.366  8.140   1.00 20.58 ? 3  DC  A "O3'" 1 
ATOM   48  C "C2'" . DC  A 1 3  ? -2.419  10.718  5.980   1.00 15.93 ? 3  DC  A "C2'" 1 
ATOM   49  C "C1'" . DC  A 1 3  ? -3.654  11.061  5.169   1.00 13.21 ? 3  DC  A "C1'" 1 
ATOM   50  N N1    . DC  A 1 3  ? -3.343  11.233  3.746   1.00 10.28 ? 3  DC  A N1    1 
ATOM   51  C C2    . DC  A 1 3  ? -4.306  10.906  2.801   1.00 11.72 ? 3  DC  A C2    1 
ATOM   52  O O2    . DC  A 1 3  ? -5.422  10.554  3.188   1.00 6.98  ? 3  DC  A O2    1 
ATOM   53  N N3    . DC  A 1 3  ? -3.999  10.983  1.484   1.00 12.51 ? 3  DC  A N3    1 
ATOM   54  C C4    . DC  A 1 3  ? -2.786  11.385  1.110   1.00 12.06 ? 3  DC  A C4    1 
ATOM   55  N N4    . DC  A 1 3  ? -2.516  11.429  -0.191  1.00 7.78  ? 3  DC  A N4    1 
ATOM   56  C C5    . DC  A 1 3  ? -1.794  11.759  2.056   1.00 10.58 ? 3  DC  A C5    1 
ATOM   57  C C6    . DC  A 1 3  ? -2.114  11.676  3.351   1.00 6.52  ? 3  DC  A C6    1 
ATOM   58  P P     . DG  A 1 4  ? -2.675  9.079   8.721   1.00 13.53 ? 4  DG  A P     1 
ATOM   59  O OP1   . DG  A 1 4  ? -2.486  9.258   10.176  1.00 21.47 ? 4  DG  A OP1   1 
ATOM   60  O OP2   . DG  A 1 4  ? -1.504  8.813   7.855   1.00 19.22 ? 4  DG  A OP2   1 
ATOM   61  O "O5'" . DG  A 1 4  ? -3.769  7.944   8.526   1.00 14.61 ? 4  DG  A "O5'" 1 
ATOM   62  C "C5'" . DG  A 1 4  ? -5.140  8.221   8.813   1.00 15.95 ? 4  DG  A "C5'" 1 
ATOM   63  C "C4'" . DG  A 1 4  ? -6.034  7.328   7.985   1.00 14.62 ? 4  DG  A "C4'" 1 
ATOM   64  O "O4'" . DG  A 1 4  ? -5.820  7.596   6.576   1.00 13.42 ? 4  DG  A "O4'" 1 
ATOM   65  C "C3'" . DG  A 1 4  ? -5.765  5.839   8.175   1.00 14.46 ? 4  DG  A "C3'" 1 
ATOM   66  O "O3'" . DG  A 1 4  ? -7.008  5.141   8.187   1.00 20.14 ? 4  DG  A "O3'" 1 
ATOM   67  C "C2'" . DG  A 1 4  ? -4.889  5.477   6.985   1.00 13.84 ? 4  DG  A "C2'" 1 
ATOM   68  C "C1'" . DG  A 1 4  ? -5.369  6.429   5.903   1.00 11.54 ? 4  DG  A "C1'" 1 
ATOM   69  N N9    . DG  A 1 4  ? -4.325  6.835   4.966   1.00 9.22  ? 4  DG  A N9    1 
ATOM   70  C C8    . DG  A 1 4  ? -3.031  7.192   5.262   1.00 5.27  ? 4  DG  A C8    1 
ATOM   71  N N7    . DG  A 1 4  ? -2.332  7.512   4.209   1.00 6.24  ? 4  DG  A N7    1 
ATOM   72  C C5    . DG  A 1 4  ? -3.217  7.357   3.152   1.00 6.72  ? 4  DG  A C5    1 
ATOM   73  C C6    . DG  A 1 4  ? -3.028  7.550   1.757   1.00 10.39 ? 4  DG  A C6    1 
ATOM   74  O O6    . DG  A 1 4  ? -2.004  7.915   1.155   1.00 10.54 ? 4  DG  A O6    1 
ATOM   75  N N1    . DG  A 1 4  ? -4.192  7.273   1.045   1.00 11.24 ? 4  DG  A N1    1 
ATOM   76  C C2    . DG  A 1 4  ? -5.385  6.862   1.602   1.00 11.44 ? 4  DG  A C2    1 
ATOM   77  N N2    . DG  A 1 4  ? -6.399  6.649   0.752   1.00 11.51 ? 4  DG  A N2    1 
ATOM   78  N N3    . DG  A 1 4  ? -5.570  6.674   2.896   1.00 7.56  ? 4  DG  A N3    1 
ATOM   79  C C4    . DG  A 1 4  ? -4.453  6.939   3.607   1.00 10.23 ? 4  DG  A C4    1 
ATOM   80  P P     . DA  A 1 5  ? -7.037  3.544   8.056   1.00 21.84 ? 5  DA  A P     1 
ATOM   81  O OP1   . DA  A 1 5  ? -8.205  3.042   8.820   1.00 29.15 ? 5  DA  A OP1   1 
ATOM   82  O OP2   . DA  A 1 5  ? -5.684  2.999   8.340   1.00 19.44 ? 5  DA  A OP2   1 
ATOM   83  O "O5'" . DA  A 1 5  ? -7.365  3.337   6.517   1.00 20.09 ? 5  DA  A "O5'" 1 
ATOM   84  C "C5'" . DA  A 1 5  ? -8.584  3.823   5.987   1.00 16.82 ? 5  DA  A "C5'" 1 
ATOM   85  C "C4'" . DA  A 1 5  ? -8.772  3.324   4.580   1.00 9.76  ? 5  DA  A "C4'" 1 
ATOM   86  O "O4'" . DA  A 1 5  ? -7.657  3.800   3.797   1.00 12.51 ? 5  DA  A "O4'" 1 
ATOM   87  C "C3'" . DA  A 1 5  ? -8.767  1.805   4.445   1.00 9.79  ? 5  DA  A "C3'" 1 
ATOM   88  O "O3'" . DA  A 1 5  ? -9.718  1.430   3.450   1.00 13.61 ? 5  DA  A "O3'" 1 
ATOM   89  C "C2'" . DA  A 1 5  ? -7.348  1.488   4.005   1.00 8.50  ? 5  DA  A "C2'" 1 
ATOM   90  C "C1'" . DA  A 1 5  ? -6.973  2.711   3.196   1.00 8.73  ? 5  DA  A "C1'" 1 
ATOM   91  N N9    . DA  A 1 5  ? -5.550  3.054   3.182   1.00 11.39 ? 5  DA  A N9    1 
ATOM   92  C C8    . DA  A 1 5  ? -4.678  3.156   4.242   1.00 4.64  ? 5  DA  A C8    1 
ATOM   93  N N7    . DA  A 1 5  ? -3.488  3.591   3.905   1.00 6.15  ? 5  DA  A N7    1 
ATOM   94  C C5    . DA  A 1 5  ? -3.574  3.760   2.529   1.00 3.66  ? 5  DA  A C5    1 
ATOM   95  C C6    . DA  A 1 5  ? -2.657  4.225   1.576   1.00 2.79  ? 5  DA  A C6    1 
ATOM   96  N N6    . DA  A 1 5  ? -1.427  4.641   1.870   1.00 8.79  ? 5  DA  A N6    1 
ATOM   97  N N1    . DA  A 1 5  ? -3.055  4.266   0.294   1.00 2.00  ? 5  DA  A N1    1 
ATOM   98  C C2    . DA  A 1 5  ? -4.297  3.880   -0.006  1.00 2.47  ? 5  DA  A C2    1 
ATOM   99  N N3    . DA  A 1 5  ? -5.256  3.441   0.796   1.00 2.74  ? 5  DA  A N3    1 
ATOM   100 C C4    . DA  A 1 5  ? -4.826  3.407   2.067   1.00 4.30  ? 5  DA  A C4    1 
ATOM   101 P P     . DA  A 1 6  ? -10.001 -0.123  3.155   1.00 15.63 ? 6  DA  A P     1 
ATOM   102 O OP1   . DA  A 1 6  ? -11.453 -0.382  3.286   1.00 20.89 ? 6  DA  A OP1   1 
ATOM   103 O OP2   . DA  A 1 6  ? -9.047  -0.918  3.959   1.00 21.19 ? 6  DA  A OP2   1 
ATOM   104 O "O5'" . DA  A 1 6  ? -9.602  -0.254  1.621   1.00 14.46 ? 6  DA  A "O5'" 1 
ATOM   105 C "C5'" . DA  A 1 6  ? -8.384  0.307   1.165   1.00 12.94 ? 6  DA  A "C5'" 1 
ATOM   106 C "C4'" . DA  A 1 6  ? -8.061  -0.174  -0.228  1.00 15.13 ? 6  DA  A "C4'" 1 
ATOM   107 O "O4'" . DA  A 1 6  ? -6.736  0.314   -0.526  1.00 17.78 ? 6  DA  A "O4'" 1 
ATOM   108 C "C3'" . DA  A 1 6  ? -7.981  -1.688  -0.410  1.00 13.49 ? 6  DA  A "C3'" 1 
ATOM   109 O "O3'" . DA  A 1 6  ? -8.319  -1.999  -1.771  1.00 16.58 ? 6  DA  A "O3'" 1 
ATOM   110 C "C2'" . DA  A 1 6  ? -6.529  -1.996  -0.094  1.00 11.29 ? 6  DA  A "C2'" 1 
ATOM   111 C "C1'" . DA  A 1 6  ? -5.784  -0.737  -0.523  1.00 12.36 ? 6  DA  A "C1'" 1 
ATOM   112 N N9    . DA  A 1 6  ? -4.720  -0.341  0.404   1.00 6.34  ? 6  DA  A N9    1 
ATOM   113 C C8    . DA  A 1 6  ? -4.749  -0.457  1.772   1.00 5.37  ? 6  DA  A C8    1 
ATOM   114 N N7    . DA  A 1 6  ? -3.672  -0.008  2.366   1.00 5.35  ? 6  DA  A N7    1 
ATOM   115 C C5    . DA  A 1 6  ? -2.875  0.429   1.317   1.00 8.07  ? 6  DA  A C5    1 
ATOM   116 C C6    . DA  A 1 6  ? -1.600  1.018   1.285   1.00 6.04  ? 6  DA  A C6    1 
ATOM   117 N N6    . DA  A 1 6  ? -0.877  1.276   2.376   1.00 7.26  ? 6  DA  A N6    1 
ATOM   118 N N1    . DA  A 1 6  ? -1.088  1.341   0.078   1.00 5.99  ? 6  DA  A N1    1 
ATOM   119 C C2    . DA  A 1 6  ? -1.816  1.084   -1.016  1.00 5.98  ? 6  DA  A C2    1 
ATOM   120 N N3    . DA  A 1 6  ? -3.027  0.536   -1.114  1.00 9.85  ? 6  DA  A N3    1 
ATOM   121 C C4    . DA  A 1 6  ? -3.508  0.228   0.102   1.00 4.59  ? 6  DA  A C4    1 
ATOM   122 P P     . DT  A 1 7  ? -8.196  -3.513  -2.322  1.00 13.84 ? 7  DT  A P     1 
ATOM   123 O OP1   . DT  A 1 7  ? -9.208  -3.685  -3.392  1.00 14.19 ? 7  DT  A OP1   1 
ATOM   124 O OP2   . DT  A 1 7  ? -8.159  -4.463  -1.192  1.00 17.10 ? 7  DT  A OP2   1 
ATOM   125 O "O5'" . DT  A 1 7  ? -6.779  -3.524  -3.038  1.00 14.15 ? 7  DT  A "O5'" 1 
ATOM   126 C "C5'" . DT  A 1 7  ? -6.559  -2.705  -4.171  1.00 10.65 ? 7  DT  A "C5'" 1 
ATOM   127 C "C4'" . DT  A 1 7  ? -5.103  -2.721  -4.561  1.00 14.20 ? 7  DT  A "C4'" 1 
ATOM   128 O "O4'" . DT  A 1 7  ? -4.299  -2.220  -3.464  1.00 13.84 ? 7  DT  A "O4'" 1 
ATOM   129 C "C3'" . DT  A 1 7  ? -4.528  -4.090  -4.926  1.00 11.01 ? 7  DT  A "C3'" 1 
ATOM   130 O "O3'" . DT  A 1 7  ? -3.751  -3.968  -6.118  1.00 22.97 ? 7  DT  A "O3'" 1 
ATOM   131 C "C2'" . DT  A 1 7  ? -3.612  -4.408  -3.759  1.00 15.89 ? 7  DT  A "C2'" 1 
ATOM   132 C "C1'" . DT  A 1 7  ? -3.143  -3.024  -3.362  1.00 11.65 ? 7  DT  A "C1'" 1 
ATOM   133 N N1    . DT  A 1 7  ? -2.599  -2.891  -1.997  1.00 11.26 ? 7  DT  A N1    1 
ATOM   134 C C2    . DT  A 1 7  ? -1.381  -2.252  -1.854  1.00 11.61 ? 7  DT  A C2    1 
ATOM   135 O O2    . DT  A 1 7  ? -0.750  -1.792  -2.793  1.00 11.11 ? 7  DT  A O2    1 
ATOM   136 N N3    . DT  A 1 7  ? -0.924  -2.167  -0.567  1.00 10.05 ? 7  DT  A N3    1 
ATOM   137 C C4    . DT  A 1 7  ? -1.536  -2.645  0.571   1.00 15.14 ? 7  DT  A C4    1 
ATOM   138 O O4    . DT  A 1 7  ? -0.986  -2.495  1.666   1.00 14.73 ? 7  DT  A O4    1 
ATOM   139 C C5    . DT  A 1 7  ? -2.812  -3.308  0.355   1.00 13.27 ? 7  DT  A C5    1 
ATOM   140 C C7    . DT  A 1 7  ? -3.543  -3.874  1.534   1.00 3.87  ? 7  DT  A C7    1 
ATOM   141 C C6    . DT  A 1 7  ? -3.276  -3.390  -0.902  1.00 10.64 ? 7  DT  A C6    1 
ATOM   142 P P     . DT  A 1 8  ? -3.696  -5.185  -7.177  1.00 27.70 ? 8  DT  A P     1 
ATOM   143 O OP1   . DT  A 1 8  ? -3.900  -4.664  -8.554  1.00 27.34 ? 8  DT  A OP1   1 
ATOM   144 O OP2   . DT  A 1 8  ? -4.567  -6.271  -6.665  1.00 25.73 ? 8  DT  A OP2   1 
ATOM   145 O "O5'" . DT  A 1 8  ? -2.197  -5.670  -7.067  1.00 23.71 ? 8  DT  A "O5'" 1 
ATOM   146 C "C5'" . DT  A 1 8  ? -1.460  -5.355  -5.912  1.00 25.58 ? 8  DT  A "C5'" 1 
ATOM   147 C "C4'" . DT  A 1 8  ? -0.067  -4.941  -6.295  1.00 23.78 ? 8  DT  A "C4'" 1 
ATOM   148 O "O4'" . DT  A 1 8  ? 0.533   -4.353  -5.130  1.00 23.05 ? 8  DT  A "O4'" 1 
ATOM   149 C "C3'" . DT  A 1 8  ? 0.821   -6.113  -6.685  1.00 24.09 ? 8  DT  A "C3'" 1 
ATOM   150 O "O3'" . DT  A 1 8  ? 1.784   -5.667  -7.641  1.00 26.05 ? 8  DT  A "O3'" 1 
ATOM   151 C "C2'" . DT  A 1 8  ? 1.440   -6.523  -5.361  1.00 21.65 ? 8  DT  A "C2'" 1 
ATOM   152 C "C1'" . DT  A 1 8  ? 1.482   -5.229  -4.554  1.00 21.29 ? 8  DT  A "C1'" 1 
ATOM   153 N N1    . DT  A 1 8  ? 1.122   -5.364  -3.129  1.00 16.10 ? 8  DT  A N1    1 
ATOM   154 C C2    . DT  A 1 8  ? 1.989   -4.885  -2.181  1.00 14.50 ? 8  DT  A C2    1 
ATOM   155 O O2    . DT  A 1 8  ? 3.060   -4.371  -2.459  1.00 16.36 ? 8  DT  A O2    1 
ATOM   156 N N3    . DT  A 1 8  ? 1.554   -5.029  -0.882  1.00 16.00 ? 8  DT  A N3    1 
ATOM   157 C C4    . DT  A 1 8  ? 0.364   -5.595  -0.460  1.00 16.34 ? 8  DT  A C4    1 
ATOM   158 O O4    . DT  A 1 8  ? 0.095   -5.646  0.734   1.00 18.73 ? 8  DT  A O4    1 
ATOM   159 C C5    . DT  A 1 8  ? -0.490  -6.089  -1.511  1.00 17.48 ? 8  DT  A C5    1 
ATOM   160 C C7    . DT  A 1 8  ? -1.796  -6.728  -1.147  1.00 11.61 ? 8  DT  A C7    1 
ATOM   161 C C6    . DT  A 1 8  ? -0.071  -5.952  -2.774  1.00 18.09 ? 8  DT  A C6    1 
ATOM   162 P P     . DC  A 1 9  ? 2.439   -6.712  -8.674  1.00 26.01 ? 9  DC  A P     1 
ATOM   163 O OP1   . DC  A 1 9  ? 2.561   -6.027  -9.982  1.00 18.64 ? 9  DC  A OP1   1 
ATOM   164 O OP2   . DC  A 1 9  ? 1.701   -7.996  -8.578  1.00 22.06 ? 9  DC  A OP2   1 
ATOM   165 O "O5'" . DC  A 1 9  ? 3.896   -6.923  -8.071  1.00 24.56 ? 9  DC  A "O5'" 1 
ATOM   166 C "C5'" . DC  A 1 9  ? 4.454   -5.940  -7.202  1.00 25.49 ? 9  DC  A "C5'" 1 
ATOM   167 C "C4'" . DC  A 1 9  ? 5.515   -6.557  -6.325  1.00 29.52 ? 9  DC  A "C4'" 1 
ATOM   168 O "O4'" . DC  A 1 9  ? 5.003   -6.705  -4.979  1.00 30.54 ? 9  DC  A "O4'" 1 
ATOM   169 C "C3'" . DC  A 1 9  ? 5.965   -7.948  -6.766  1.00 28.89 ? 9  DC  A "C3'" 1 
ATOM   170 O "O3'" . DC  A 1 9  ? 7.357   -8.092  -6.496  1.00 32.90 ? 9  DC  A "O3'" 1 
ATOM   171 C "C2'" . DC  A 1 9  ? 5.182   -8.867  -5.851  1.00 29.92 ? 9  DC  A "C2'" 1 
ATOM   172 C "C1'" . DC  A 1 9  ? 5.174   -8.056  -4.571  1.00 28.77 ? 9  DC  A "C1'" 1 
ATOM   173 N N1    . DC  A 1 9  ? 4.114   -8.391  -3.602  1.00 24.44 ? 9  DC  A N1    1 
ATOM   174 C C2    . DC  A 1 9  ? 4.303   -8.039  -2.267  1.00 22.84 ? 9  DC  A C2    1 
ATOM   175 O O2    . DC  A 1 9  ? 5.349   -7.451  -1.946  1.00 23.67 ? 9  DC  A O2    1 
ATOM   176 N N3    . DC  A 1 9  ? 3.352   -8.346  -1.360  1.00 20.76 ? 9  DC  A N3    1 
ATOM   177 C C4    . DC  A 1 9  ? 2.243   -8.978  -1.747  1.00 19.95 ? 9  DC  A C4    1 
ATOM   178 N N4    . DC  A 1 9  ? 1.331   -9.271  -0.815  1.00 21.39 ? 9  DC  A N4    1 
ATOM   179 C C5    . DC  A 1 9  ? 2.021   -9.342  -3.105  1.00 21.74 ? 9  DC  A C5    1 
ATOM   180 C C6    . DC  A 1 9  ? 2.974   -9.035  -3.991  1.00 20.84 ? 9  DC  A C6    1 
ATOM   181 P P     . DG  A 1 10 ? 8.352   -8.560  -7.665  1.00 29.91 ? 10 DG  A P     1 
ATOM   182 O OP1   . DG  A 1 10 ? 8.347   -7.539  -8.735  1.00 33.11 ? 10 DG  A OP1   1 
ATOM   183 O OP2   . DG  A 1 10 ? 8.014   -9.963  -7.986  1.00 30.71 ? 10 DG  A OP2   1 
ATOM   184 O "O5'" . DG  A 1 10 ? 9.777   -8.545  -6.961  1.00 28.86 ? 10 DG  A "O5'" 1 
ATOM   185 C "C5'" . DG  A 1 10 ? 10.166  -7.446  -6.142  1.00 29.23 ? 10 DG  A "C5'" 1 
ATOM   186 C "C4'" . DG  A 1 10 ? 10.663  -7.943  -4.805  1.00 30.69 ? 10 DG  A "C4'" 1 
ATOM   187 O "O4'" . DG  A 1 10 ? 9.567   -8.343  -3.946  1.00 28.88 ? 10 DG  A "O4'" 1 
ATOM   188 C "C3'" . DG  A 1 10 ? 11.589  -9.156  -4.890  1.00 30.60 ? 10 DG  A "C3'" 1 
ATOM   189 O "O3'" . DG  A 1 10 ? 12.554  -9.053  -3.850  1.00 37.09 ? 10 DG  A "O3'" 1 
ATOM   190 C "C2'" . DG  A 1 10 ? 10.665  -10.308 -4.561  1.00 24.84 ? 10 DG  A "C2'" 1 
ATOM   191 C "C1'" . DG  A 1 10 ? 9.814   -9.663  -3.483  1.00 26.59 ? 10 DG  A "C1'" 1 
ATOM   192 N N9    . DG  A 1 10 ? 8.527   -10.299 -3.228  1.00 22.62 ? 10 DG  A N9    1 
ATOM   193 C C8    . DG  A 1 10 ? 7.758   -11.010 -4.117  1.00 18.51 ? 10 DG  A C8    1 
ATOM   194 N N7    . DG  A 1 10 ? 6.633   -11.426 -3.602  1.00 22.10 ? 10 DG  A N7    1 
ATOM   195 C C5    . DG  A 1 10 ? 6.665   -10.962 -2.291  1.00 19.48 ? 10 DG  A C5    1 
ATOM   196 C C6    . DG  A 1 10 ? 5.709   -11.087 -1.247  1.00 19.97 ? 10 DG  A C6    1 
ATOM   197 O O6    . DG  A 1 10 ? 4.592   -11.631 -1.280  1.00 21.31 ? 10 DG  A O6    1 
ATOM   198 N N1    . DG  A 1 10 ? 6.155   -10.493 -0.071  1.00 13.37 ? 10 DG  A N1    1 
ATOM   199 C C2    . DG  A 1 10 ? 7.360   -9.858  0.083   1.00 13.61 ? 10 DG  A C2    1 
ATOM   200 N N2    . DG  A 1 10 ? 7.623   -9.385  1.305   1.00 12.50 ? 10 DG  A N2    1 
ATOM   201 N N3    . DG  A 1 10 ? 8.248   -9.707  -0.889  1.00 16.96 ? 10 DG  A N3    1 
ATOM   202 C C4    . DG  A 1 10 ? 7.837   -10.283 -2.040  1.00 21.25 ? 10 DG  A C4    1 
ATOM   203 P P     . DC  A 1 11 ? 14.114  -8.975  -4.210  1.00 36.39 ? 11 DC  A P     1 
ATOM   204 O OP1   . DC  A 1 11 ? 14.345  -7.772  -5.051  1.00 35.32 ? 11 DC  A OP1   1 
ATOM   205 O OP2   . DC  A 1 11 ? 14.506  -10.317 -4.712  1.00 36.01 ? 11 DC  A OP2   1 
ATOM   206 O "O5'" . DC  A 1 11 ? 14.784  -8.729  -2.788  1.00 32.87 ? 11 DC  A "O5'" 1 
ATOM   207 C "C5'" . DC  A 1 11 ? 14.152  -7.872  -1.841  1.00 30.48 ? 11 DC  A "C5'" 1 
ATOM   208 C "C4'" . DC  A 1 11 ? 13.978  -8.586  -0.521  1.00 28.28 ? 11 DC  A "C4'" 1 
ATOM   209 O "O4'" . DC  A 1 11 ? 12.671  -9.222  -0.459  1.00 23.23 ? 11 DC  A "O4'" 1 
ATOM   210 C "C3'" . DC  A 1 11 ? 15.002  -9.697  -0.287  1.00 26.63 ? 11 DC  A "C3'" 1 
ATOM   211 O "O3'" . DC  A 1 11 ? 15.472  -9.666  1.058   1.00 31.04 ? 11 DC  A "O3'" 1 
ATOM   212 C "C2'" . DC  A 1 11 ? 14.198  -10.965 -0.493  1.00 27.02 ? 11 DC  A "C2'" 1 
ATOM   213 C "C1'" . DC  A 1 11 ? 12.838  -10.539 0.026   1.00 21.64 ? 11 DC  A "C1'" 1 
ATOM   214 N N1    . DC  A 1 11 ? 11.735  -11.373 -0.468  1.00 14.61 ? 11 DC  A N1    1 
ATOM   215 C C2    . DC  A 1 11 ? 10.659  -11.657 0.383   1.00 14.38 ? 11 DC  A C2    1 
ATOM   216 O O2    . DC  A 1 11 ? 10.637  -11.161 1.520   1.00 12.61 ? 11 DC  A O2    1 
ATOM   217 N N3    . DC  A 1 11 ? 9.669   -12.467 -0.055  1.00 11.17 ? 11 DC  A N3    1 
ATOM   218 C C4    . DC  A 1 11 ? 9.719   -12.973 -1.286  1.00 11.86 ? 11 DC  A C4    1 
ATOM   219 N N4    . DC  A 1 11 ? 8.724   -13.767 -1.677  1.00 16.26 ? 11 DC  A N4    1 
ATOM   220 C C5    . DC  A 1 11 ? 10.793  -12.688 -2.175  1.00 15.80 ? 11 DC  A C5    1 
ATOM   221 C C6    . DC  A 1 11 ? 11.768  -11.887 -1.732  1.00 15.73 ? 11 DC  A C6    1 
ATOM   222 P P     . DG  A 1 12 ? 16.760  -10.538 1.467   1.00 31.27 ? 12 DG  A P     1 
ATOM   223 O OP1   . DG  A 1 12 ? 17.919  -9.610  1.581   1.00 26.68 ? 12 DG  A OP1   1 
ATOM   224 O OP2   . DG  A 1 12 ? 16.829  -11.692 0.533   1.00 30.54 ? 12 DG  A OP2   1 
ATOM   225 O "O5'" . DG  A 1 12 ? 16.376  -11.121 2.902   1.00 27.71 ? 12 DG  A "O5'" 1 
ATOM   226 C "C5'" . DG  A 1 12 ? 15.701  -10.314 3.863   1.00 21.99 ? 12 DG  A "C5'" 1 
ATOM   227 C "C4'" . DG  A 1 12 ? 14.948  -11.180 4.849   1.00 26.98 ? 12 DG  A "C4'" 1 
ATOM   228 O "O4'" . DG  A 1 12 ? 13.744  -11.719 4.241   1.00 22.12 ? 12 DG  A "O4'" 1 
ATOM   229 C "C3'" . DG  A 1 12 ? 15.729  -12.371 5.407   1.00 22.79 ? 12 DG  A "C3'" 1 
ATOM   230 O "O3'" . DG  A 1 12 ? 15.389  -12.685 6.753   1.00 32.20 ? 12 DG  A "O3'" 1 
ATOM   231 C "C2'" . DG  A 1 12 ? 15.171  -13.545 4.632   1.00 23.96 ? 12 DG  A "C2'" 1 
ATOM   232 C "C1'" . DG  A 1 12 ? 13.728  -13.136 4.349   1.00 21.06 ? 12 DG  A "C1'" 1 
ATOM   233 N N9    . DG  A 1 12 ? 13.255  -13.673 3.075   1.00 21.92 ? 12 DG  A N9    1 
ATOM   234 C C8    . DG  A 1 12 ? 13.933  -13.603 1.883   1.00 20.22 ? 12 DG  A C8    1 
ATOM   235 N N7    . DG  A 1 12 ? 13.316  -14.203 0.904   1.00 24.09 ? 12 DG  A N7    1 
ATOM   236 C C5    . DG  A 1 12 ? 12.152  -14.697 1.473   1.00 20.84 ? 12 DG  A C5    1 
ATOM   237 C C6    . DG  A 1 12 ? 11.104  -15.449 0.892   1.00 20.45 ? 12 DG  A C6    1 
ATOM   238 O O6    . DG  A 1 12 ? 11.008  -15.865 -0.267  1.00 24.62 ? 12 DG  A O6    1 
ATOM   239 N N1    . DG  A 1 12 ? 10.103  -15.726 1.813   1.00 17.59 ? 12 DG  A N1    1 
ATOM   240 C C2    . DG  A 1 12 ? 10.115  -15.348 3.128   1.00 19.40 ? 12 DG  A C2    1 
ATOM   241 N N2    . DG  A 1 12 ? 9.038   -15.716 3.848   1.00 21.62 ? 12 DG  A N2    1 
ATOM   242 N N3    . DG  A 1 12 ? 11.105  -14.662 3.696   1.00 18.35 ? 12 DG  A N3    1 
ATOM   243 C C4    . DG  A 1 12 ? 12.084  -14.368 2.813   1.00 21.43 ? 12 DG  A C4    1 
ATOM   244 O "O5'" . DC  B 1 1  ? 5.056   -22.142 0.794   1.00 46.19 ? 13 DC  B "O5'" 1 
ATOM   245 C "C5'" . DC  B 1 1  ? 3.755   -21.864 1.356   1.00 35.07 ? 13 DC  B "C5'" 1 
ATOM   246 C "C4'" . DC  B 1 1  ? 3.845   -20.746 2.369   1.00 28.16 ? 13 DC  B "C4'" 1 
ATOM   247 O "O4'" . DC  B 1 1  ? 5.176   -20.178 2.336   1.00 23.29 ? 13 DC  B "O4'" 1 
ATOM   248 C "C3'" . DC  B 1 1  ? 2.892   -19.572 2.132   1.00 27.40 ? 13 DC  B "C3'" 1 
ATOM   249 O "O3'" . DC  B 1 1  ? 2.594   -18.990 3.398   1.00 29.08 ? 13 DC  B "O3'" 1 
ATOM   250 C "C2'" . DC  B 1 1  ? 3.750   -18.593 1.352   1.00 25.32 ? 13 DC  B "C2'" 1 
ATOM   251 C "C1'" . DC  B 1 1  ? 5.105   -18.794 2.012   1.00 21.29 ? 13 DC  B "C1'" 1 
ATOM   252 N N1    . DC  B 1 1  ? 6.253   -18.482 1.156   1.00 15.89 ? 13 DC  B N1    1 
ATOM   253 C C2    . DC  B 1 1  ? 7.262   -17.659 1.652   1.00 17.19 ? 13 DC  B C2    1 
ATOM   254 O O2    . DC  B 1 1  ? 7.138   -17.176 2.792   1.00 19.90 ? 13 DC  B O2    1 
ATOM   255 N N3    . DC  B 1 1  ? 8.340   -17.405 0.881   1.00 14.82 ? 13 DC  B N3    1 
ATOM   256 C C4    . DC  B 1 1  ? 8.419   -17.921 -0.344  1.00 14.79 ? 13 DC  B C4    1 
ATOM   257 N N4    . DC  B 1 1  ? 9.499   -17.641 -1.075  1.00 7.76  ? 13 DC  B N4    1 
ATOM   258 C C5    . DC  B 1 1  ? 7.393   -18.747 -0.881  1.00 11.55 ? 13 DC  B C5    1 
ATOM   259 C C6    . DC  B 1 1  ? 6.339   -18.999 -0.105  1.00 11.40 ? 13 DC  B C6    1 
ATOM   260 P P     . DG  B 1 2  ? 1.130   -18.418 3.700   1.00 20.84 ? 14 DG  B P     1 
ATOM   261 O OP1   . DG  B 1 2  ? 0.316   -19.566 4.161   1.00 24.64 ? 14 DG  B OP1   1 
ATOM   262 O OP2   . DG  B 1 2  ? 0.684   -17.607 2.546   1.00 19.21 ? 14 DG  B OP2   1 
ATOM   263 O "O5'" . DG  B 1 2  ? 1.369   -17.445 4.933   1.00 21.13 ? 14 DG  B "O5'" 1 
ATOM   264 C "C5'" . DG  B 1 2  ? 2.319   -17.773 5.934   1.00 20.36 ? 14 DG  B "C5'" 1 
ATOM   265 C "C4'" . DG  B 1 2  ? 3.080   -16.534 6.345   1.00 24.07 ? 14 DG  B "C4'" 1 
ATOM   266 O "O4'" . DG  B 1 2  ? 4.098   -16.189 5.376   1.00 20.58 ? 14 DG  B "O4'" 1 
ATOM   267 C "C3'" . DG  B 1 2  ? 2.196   -15.299 6.490   1.00 23.95 ? 14 DG  B "C3'" 1 
ATOM   268 O "O3'" . DG  B 1 2  ? 2.587   -14.565 7.645   1.00 26.72 ? 14 DG  B "O3'" 1 
ATOM   269 C "C2'" . DG  B 1 2  ? 2.497   -14.498 5.239   1.00 21.03 ? 14 DG  B "C2'" 1 
ATOM   270 C "C1'" . DG  B 1 2  ? 3.953   -14.831 4.981   1.00 19.57 ? 14 DG  B "C1'" 1 
ATOM   271 N N9    . DG  B 1 2  ? 4.324   -14.737 3.572   1.00 18.85 ? 14 DG  B N9    1 
ATOM   272 C C8    . DG  B 1 2  ? 3.615   -15.246 2.519   1.00 14.72 ? 14 DG  B C8    1 
ATOM   273 N N7    . DG  B 1 2  ? 4.183   -15.031 1.365   1.00 21.28 ? 14 DG  B N7    1 
ATOM   274 C C5    . DG  B 1 2  ? 5.342   -14.331 1.671   1.00 15.49 ? 14 DG  B C5    1 
ATOM   275 C C6    . DG  B 1 2  ? 6.358   -13.825 0.819   1.00 12.61 ? 14 DG  B C6    1 
ATOM   276 O O6    . DG  B 1 2  ? 6.435   -13.894 -0.408  1.00 18.03 ? 14 DG  B O6    1 
ATOM   277 N N1    . DG  B 1 2  ? 7.354   -13.180 1.534   1.00 9.58  ? 14 DG  B N1    1 
ATOM   278 C C2    . DG  B 1 2  ? 7.367   -13.025 2.894   1.00 14.89 ? 14 DG  B C2    1 
ATOM   279 N N2    . DG  B 1 2  ? 8.415   -12.350 3.397   1.00 7.21  ? 14 DG  B N2    1 
ATOM   280 N N3    . DG  B 1 2  ? 6.421   -13.493 3.705   1.00 17.09 ? 14 DG  B N3    1 
ATOM   281 C C4    . DG  B 1 2  ? 5.446   -14.133 3.026   1.00 15.39 ? 14 DG  B C4    1 
ATOM   282 P P     . DC  B 1 3  ? 1.628   -13.416 8.212   1.00 27.80 ? 15 DC  B P     1 
ATOM   283 O OP1   . DC  B 1 3  ? 1.232   -13.778 9.603   1.00 28.40 ? 15 DC  B OP1   1 
ATOM   284 O OP2   . DC  B 1 3  ? 0.578   -13.164 7.189   1.00 29.45 ? 15 DC  B OP2   1 
ATOM   285 O "O5'" . DC  B 1 3  ? 2.577   -12.137 8.250   1.00 26.84 ? 15 DC  B "O5'" 1 
ATOM   286 C "C5'" . DC  B 1 3  ? 3.970   -12.277 8.513   1.00 19.64 ? 15 DC  B "C5'" 1 
ATOM   287 C "C4'" . DC  B 1 3  ? 4.718   -11.073 7.999   1.00 16.44 ? 15 DC  B "C4'" 1 
ATOM   288 O "O4'" . DC  B 1 3  ? 4.973   -11.235 6.583   1.00 16.83 ? 15 DC  B "O4'" 1 
ATOM   289 C "C3'" . DC  B 1 3  ? 3.955   -9.760  8.140   1.00 14.69 ? 15 DC  B "C3'" 1 
ATOM   290 O "O3'" . DC  B 1 3  ? 4.837   -8.731  8.556   1.00 19.10 ? 15 DC  B "O3'" 1 
ATOM   291 C "C2'" . DC  B 1 3  ? 3.472   -9.465  6.734   1.00 17.47 ? 15 DC  B "C2'" 1 
ATOM   292 C "C1'" . DC  B 1 3  ? 4.572   -10.063 5.889   1.00 12.39 ? 15 DC  B "C1'" 1 
ATOM   293 N N1    . DC  B 1 3  ? 4.141   -10.457 4.540   1.00 10.93 ? 15 DC  B N1    1 
ATOM   294 C C2    . DC  B 1 3  ? 4.975   -10.183 3.457   1.00 10.50 ? 15 DC  B C2    1 
ATOM   295 O O2    . DC  B 1 3  ? 6.033   -9.571  3.655   1.00 9.05  ? 15 DC  B O2    1 
ATOM   296 N N3    . DC  B 1 3  ? 4.603   -10.579 2.216   1.00 9.96  ? 15 DC  B N3    1 
ATOM   297 C C4    . DC  B 1 3  ? 3.435   -11.198 2.037   1.00 9.21  ? 15 DC  B C4    1 
ATOM   298 N N4    . DC  B 1 3  ? 3.111   -11.569 0.799   1.00 9.23  ? 15 DC  B N4    1 
ATOM   299 C C5    . DC  B 1 3  ? 2.554   -11.463 3.120   1.00 6.37  ? 15 DC  B C5    1 
ATOM   300 C C6    . DC  B 1 3  ? 2.945   -11.084 4.345   1.00 9.80  ? 15 DC  B C6    1 
ATOM   301 P P     . DG  B 1 4  ? 4.245   -7.446  9.314   1.00 19.39 ? 16 DG  B P     1 
ATOM   302 O OP1   . DG  B 1 4  ? 4.657   -7.503  10.737  1.00 24.26 ? 16 DG  B OP1   1 
ATOM   303 O OP2   . DG  B 1 4  ? 2.802   -7.364  8.971   1.00 23.91 ? 16 DG  B OP2   1 
ATOM   304 O "O5'" . DG  B 1 4  ? 5.012   -6.233  8.630   1.00 18.57 ? 16 DG  B "O5'" 1 
ATOM   305 C "C5'" . DG  B 1 4  ? 6.419   -6.290  8.410   1.00 22.81 ? 16 DG  B "C5'" 1 
ATOM   306 C "C4'" . DG  B 1 4  ? 6.796   -5.385  7.262   1.00 24.02 ? 16 DG  B "C4'" 1 
ATOM   307 O "O4'" . DG  B 1 4  ? 6.353   -5.949  6.006   1.00 23.83 ? 16 DG  B "O4'" 1 
ATOM   308 C "C3'" . DG  B 1 4  ? 6.132   -4.017  7.353   1.00 26.83 ? 16 DG  B "C3'" 1 
ATOM   309 O "O3'" . DG  B 1 4  ? 6.960   -3.063  6.722   1.00 27.34 ? 16 DG  B "O3'" 1 
ATOM   310 C "C2'" . DG  B 1 4  ? 4.880   -4.192  6.521   1.00 23.55 ? 16 DG  B "C2'" 1 
ATOM   311 C "C1'" . DG  B 1 4  ? 5.396   -5.079  5.409   1.00 21.21 ? 16 DG  B "C1'" 1 
ATOM   312 N N9    . DG  B 1 4  ? 4.361   -5.897  4.796   1.00 13.23 ? 16 DG  B N9    1 
ATOM   313 C C8    . DG  B 1 4  ? 3.195   -6.342  5.371   1.00 11.55 ? 16 DG  B C8    1 
ATOM   314 N N7    . DG  B 1 4  ? 2.447   -7.019  4.546   1.00 12.13 ? 16 DG  B N7    1 
ATOM   315 C C5    . DG  B 1 4  ? 3.165   -7.023  3.359   1.00 10.63 ? 16 DG  B C5    1 
ATOM   316 C C6    . DG  B 1 4  ? 2.848   -7.581  2.090   1.00 13.18 ? 16 DG  B C6    1 
ATOM   317 O O6    . DG  B 1 4  ? 1.823   -8.205  1.750   1.00 12.60 ? 16 DG  B O6    1 
ATOM   318 N N1    . DG  B 1 4  ? 3.868   -7.353  1.166   1.00 7.61  ? 16 DG  B N1    1 
ATOM   319 C C2    . DG  B 1 4  ? 5.040   -6.682  1.434   1.00 8.67  ? 16 DG  B C2    1 
ATOM   320 N N2    . DG  B 1 4  ? 5.908   -6.578  0.434   1.00 13.06 ? 16 DG  B N2    1 
ATOM   321 N N3    . DG  B 1 4  ? 5.338   -6.151  2.601   1.00 11.30 ? 16 DG  B N3    1 
ATOM   322 C C4    . DG  B 1 4  ? 4.360   -6.355  3.508   1.00 13.69 ? 16 DG  B C4    1 
ATOM   323 P P     . DA  B 1 5  ? 7.442   -1.777  7.535   1.00 33.02 ? 17 DA  B P     1 
ATOM   324 O OP1   . DA  B 1 5  ? 8.271   -2.274  8.657   1.00 35.16 ? 17 DA  B OP1   1 
ATOM   325 O OP2   . DA  B 1 5  ? 6.255   -0.916  7.825   1.00 36.89 ? 17 DA  B OP2   1 
ATOM   326 O "O5'" . DA  B 1 5  ? 8.378   -1.058  6.470   1.00 26.18 ? 17 DA  B "O5'" 1 
ATOM   327 C "C5'" . DA  B 1 5  ? 9.442   -1.780  5.864   1.00 22.42 ? 17 DA  B "C5'" 1 
ATOM   328 C "C4'" . DA  B 1 5  ? 9.393   -1.636  4.361   1.00 20.91 ? 17 DA  B "C4'" 1 
ATOM   329 O "O4'" . DA  B 1 5  ? 8.278   -2.364  3.796   1.00 21.82 ? 17 DA  B "O4'" 1 
ATOM   330 C "C3'" . DA  B 1 5  ? 9.248   -0.204  3.869   1.00 21.98 ? 17 DA  B "C3'" 1 
ATOM   331 O "O3'" . DA  B 1 5  ? 10.038  -0.052  2.695   1.00 25.70 ? 17 DA  B "O3'" 1 
ATOM   332 C "C2'" . DA  B 1 5  ? 7.771   -0.099  3.539   1.00 20.63 ? 17 DA  B "C2'" 1 
ATOM   333 C "C1'" . DA  B 1 5  ? 7.463   -1.490  3.031   1.00 15.03 ? 17 DA  B "C1'" 1 
ATOM   334 N N9    . DA  B 1 5  ? 6.075   -1.905  3.218   1.00 17.16 ? 17 DA  B N9    1 
ATOM   335 C C8    . DA  B 1 5  ? 5.299   -1.811  4.348   1.00 12.98 ? 17 DA  B C8    1 
ATOM   336 N N7    . DA  B 1 5  ? 4.092   -2.321  4.207   1.00 12.93 ? 17 DA  B N7    1 
ATOM   337 C C5    . DA  B 1 5  ? 4.075   -2.772  2.893   1.00 12.32 ? 17 DA  B C5    1 
ATOM   338 C C6    . DA  B 1 5  ? 3.092   -3.422  2.127   1.00 9.27  ? 17 DA  B C6    1 
ATOM   339 N N6    . DA  B 1 5  ? 1.898   -3.763  2.594   1.00 13.14 ? 17 DA  B N6    1 
ATOM   340 N N1    . DA  B 1 5  ? 3.390   -3.721  0.847   1.00 13.92 ? 17 DA  B N1    1 
ATOM   341 C C2    . DA  B 1 5  ? 4.602   -3.396  0.377   1.00 16.08 ? 17 DA  B C2    1 
ATOM   342 N N3    . DA  B 1 5  ? 5.616   -2.793  1.001   1.00 13.75 ? 17 DA  B N3    1 
ATOM   343 C C4    . DA  B 1 5  ? 5.284   -2.506  2.269   1.00 13.62 ? 17 DA  B C4    1 
ATOM   344 P P     . DA  B 1 6  ? 10.197  1.392   2.027   1.00 23.56 ? 18 DA  B P     1 
ATOM   345 O OP1   . DA  B 1 6  ? 11.626  1.571   1.685   1.00 28.88 ? 18 DA  B OP1   1 
ATOM   346 O OP2   . DA  B 1 6  ? 9.513   2.379   2.893   1.00 28.85 ? 18 DA  B OP2   1 
ATOM   347 O "O5'" . DA  B 1 6  ? 9.382   1.255   0.676   1.00 27.20 ? 18 DA  B "O5'" 1 
ATOM   348 C "C5'" . DA  B 1 6  ? 9.719   0.236   -0.253  1.00 25.41 ? 18 DA  B "C5'" 1 
ATOM   349 C "C4'" . DA  B 1 6  ? 8.709   0.200   -1.372  1.00 24.26 ? 18 DA  B "C4'" 1 
ATOM   350 O "O4'" . DA  B 1 6  ? 7.432   -0.229  -0.851  1.00 24.59 ? 18 DA  B "O4'" 1 
ATOM   351 C "C3'" . DA  B 1 6  ? 8.461   1.551   -2.039  1.00 21.52 ? 18 DA  B "C3'" 1 
ATOM   352 O "O3'" . DA  B 1 6  ? 8.324   1.340   -3.443  1.00 24.22 ? 18 DA  B "O3'" 1 
ATOM   353 C "C2'" . DA  B 1 6  ? 7.164   2.025   -1.398  1.00 19.41 ? 18 DA  B "C2'" 1 
ATOM   354 C "C1'" . DA  B 1 6  ? 6.433   0.717   -1.185  1.00 20.80 ? 18 DA  B "C1'" 1 
ATOM   355 N N9    . DA  B 1 6  ? 5.426   0.694   -0.122  1.00 19.81 ? 18 DA  B N9    1 
ATOM   356 C C8    . DA  B 1 6  ? 5.489   1.237   1.142   1.00 17.14 ? 18 DA  B C8    1 
ATOM   357 N N7    . DA  B 1 6  ? 4.415   1.026   1.863   1.00 11.64 ? 18 DA  B N7    1 
ATOM   358 C C5    . DA  B 1 6  ? 3.585   0.293   1.018   1.00 14.88 ? 18 DA  B C5    1 
ATOM   359 C C6    . DA  B 1 6  ? 2.303   -0.254  1.192   1.00 11.05 ? 18 DA  B C6    1 
ATOM   360 N N6    . DA  B 1 6  ? 1.607   -0.160  2.328   1.00 16.35 ? 18 DA  B N6    1 
ATOM   361 N N1    . DA  B 1 6  ? 1.757   -0.917  0.148   1.00 12.86 ? 18 DA  B N1    1 
ATOM   362 C C2    . DA  B 1 6  ? 2.460   -1.030  -0.986  1.00 9.72  ? 18 DA  B C2    1 
ATOM   363 N N3    . DA  B 1 6  ? 3.676   -0.573  -1.266  1.00 13.20 ? 18 DA  B N3    1 
ATOM   364 C C4    . DA  B 1 6  ? 4.192   0.089   -0.209  1.00 16.13 ? 18 DA  B C4    1 
ATOM   365 P P     . DT  B 1 7  ? 8.589   2.549   -4.466  1.00 28.30 ? 19 DT  B P     1 
ATOM   366 O OP1   . DT  B 1 7  ? 9.460   2.085   -5.580  1.00 29.07 ? 19 DT  B OP1   1 
ATOM   367 O OP2   . DT  B 1 7  ? 8.983   3.730   -3.665  1.00 24.24 ? 19 DT  B OP2   1 
ATOM   368 O "O5'" . DT  B 1 7  ? 7.138   2.818   -5.038  1.00 20.93 ? 19 DT  B "O5'" 1 
ATOM   369 C "C5'" . DT  B 1 7  ? 6.018   2.531   -4.227  1.00 19.60 ? 19 DT  B "C5'" 1 
ATOM   370 C "C4'" . DT  B 1 7  ? 4.880   2.025   -5.068  1.00 14.60 ? 19 DT  B "C4'" 1 
ATOM   371 O "O4'" . DT  B 1 7  ? 3.936   1.438   -4.154  1.00 13.11 ? 19 DT  B "O4'" 1 
ATOM   372 C "C3'" . DT  B 1 7  ? 4.141   3.143   -5.797  1.00 14.69 ? 19 DT  B "C3'" 1 
ATOM   373 O "O3'" . DT  B 1 7  ? 3.649   2.690   -7.057  1.00 20.74 ? 19 DT  B "O3'" 1 
ATOM   374 C "C2'" . DT  B 1 7  ? 3.018   3.506   -4.845  1.00 9.20  ? 19 DT  B "C2'" 1 
ATOM   375 C "C1'" . DT  B 1 7  ? 2.755   2.216   -4.079  1.00 13.34 ? 19 DT  B "C1'" 1 
ATOM   376 N N1    . DT  B 1 7  ? 2.478   2.446   -2.657  1.00 9.24  ? 19 DT  B N1    1 
ATOM   377 C C2    . DT  B 1 7  ? 1.375   1.852   -2.097  1.00 11.50 ? 19 DT  B C2    1 
ATOM   378 O O2    . DT  B 1 7  ? 0.642   1.090   -2.707  1.00 15.37 ? 19 DT  B O2    1 
ATOM   379 N N3    . DT  B 1 7  ? 1.160   2.174   -0.778  1.00 11.75 ? 19 DT  B N3    1 
ATOM   380 C C4    . DT  B 1 7  ? 1.934   2.998   0.017   1.00 7.71  ? 19 DT  B C4    1 
ATOM   381 O O4    . DT  B 1 7  ? 1.606   3.206   1.176   1.00 10.51 ? 19 DT  B O4    1 
ATOM   382 C C5    . DT  B 1 7  ? 3.099   3.558   -0.625  1.00 8.45  ? 19 DT  B C5    1 
ATOM   383 C C7    . DT  B 1 7  ? 4.012   4.437   0.166   1.00 15.75 ? 19 DT  B C7    1 
ATOM   384 C C6    . DT  B 1 7  ? 3.310   3.261   -1.913  1.00 13.19 ? 19 DT  B C6    1 
ATOM   385 P P     . DT  B 1 8  ? 3.061   3.749   -8.114  1.00 23.27 ? 20 DT  B P     1 
ATOM   386 O OP1   . DT  B 1 8  ? 3.301   3.186   -9.470  1.00 24.86 ? 20 DT  B OP1   1 
ATOM   387 O OP2   . DT  B 1 8  ? 3.571   5.098   -7.779  1.00 27.35 ? 20 DT  B OP2   1 
ATOM   388 O "O5'" . DT  B 1 8  ? 1.494   3.740   -7.838  1.00 22.36 ? 20 DT  B "O5'" 1 
ATOM   389 C "C5'" . DT  B 1 8  ? 0.755   2.541   -8.019  1.00 19.74 ? 20 DT  B "C5'" 1 
ATOM   390 C "C4'" . DT  B 1 8  ? -0.656  2.699   -7.510  1.00 21.37 ? 20 DT  B "C4'" 1 
ATOM   391 O "O4'" . DT  B 1 8  ? -0.692  2.771   -6.063  1.00 19.64 ? 20 DT  B "O4'" 1 
ATOM   392 C "C3'" . DT  B 1 8  ? -1.412  3.923   -8.021  1.00 20.28 ? 20 DT  B "C3'" 1 
ATOM   393 O "O3'" . DT  B 1 8  ? -2.714  3.510   -8.438  1.00 25.34 ? 20 DT  B "O3'" 1 
ATOM   394 C "C2'" . DT  B 1 8  ? -1.508  4.816   -6.796  1.00 19.59 ? 20 DT  B "C2'" 1 
ATOM   395 C "C1'" . DT  B 1 8  ? -1.580  3.801   -5.675  1.00 17.18 ? 20 DT  B "C1'" 1 
ATOM   396 N N1    . DT  B 1 8  ? -1.155  4.302   -4.354  1.00 17.07 ? 20 DT  B N1    1 
ATOM   397 C C2    . DT  B 1 8  ? -2.001  4.097   -3.283  1.00 12.42 ? 20 DT  B C2    1 
ATOM   398 O O2    . DT  B 1 8  ? -3.071  3.524   -3.377  1.00 19.85 ? 20 DT  B O2    1 
ATOM   399 N N3    . DT  B 1 8  ? -1.547  4.589   -2.090  1.00 9.91  ? 20 DT  B N3    1 
ATOM   400 C C4    . DT  B 1 8  ? -0.357  5.255   -1.853  1.00 14.34 ? 20 DT  B C4    1 
ATOM   401 O O4    . DT  B 1 8  ? -0.087  5.638   -0.708  1.00 13.49 ? 20 DT  B O4    1 
ATOM   402 C C5    . DT  B 1 8  ? 0.487   5.447   -3.024  1.00 12.53 ? 20 DT  B C5    1 
ATOM   403 C C7    . DT  B 1 8  ? 1.780   6.180   -2.875  1.00 7.15  ? 20 DT  B C7    1 
ATOM   404 C C6    . DT  B 1 8  ? 0.054   4.959   -4.199  1.00 14.26 ? 20 DT  B C6    1 
ATOM   405 P P     . DC  B 1 9  ? -3.698  4.555   -9.154  1.00 23.63 ? 21 DC  B P     1 
ATOM   406 O OP1   . DC  B 1 9  ? -4.344  3.876   -10.310 1.00 28.52 ? 21 DC  B OP1   1 
ATOM   407 O OP2   . DC  B 1 9  ? -2.955  5.820   -9.361  1.00 25.70 ? 21 DC  B OP2   1 
ATOM   408 O "O5'" . DC  B 1 9  ? -4.807  4.782   -8.046  1.00 20.58 ? 21 DC  B "O5'" 1 
ATOM   409 C "C5'" . DC  B 1 9  ? -5.271  3.677   -7.304  1.00 15.39 ? 21 DC  B "C5'" 1 
ATOM   410 C "C4'" . DC  B 1 9  ? -6.280  4.125   -6.285  1.00 14.87 ? 21 DC  B "C4'" 1 
ATOM   411 O "O4'" . DC  B 1 9  ? -5.580  4.548   -5.092  1.00 13.85 ? 21 DC  B "O4'" 1 
ATOM   412 C "C3'" . DC  B 1 9  ? -7.191  5.282   -6.700  1.00 14.52 ? 21 DC  B "C3'" 1 
ATOM   413 O "O3'" . DC  B 1 9  ? -8.525  4.923   -6.338  1.00 20.84 ? 21 DC  B "O3'" 1 
ATOM   414 C "C2'" . DC  B 1 9  ? -6.690  6.455   -5.862  1.00 14.97 ? 21 DC  B "C2'" 1 
ATOM   415 C "C1'" . DC  B 1 9  ? -6.118  5.773   -4.628  1.00 13.79 ? 21 DC  B "C1'" 1 
ATOM   416 N N1    . DC  B 1 9  ? -5.038  6.480   -3.906  1.00 12.67 ? 21 DC  B N1    1 
ATOM   417 C C2    . DC  B 1 9  ? -5.120  6.572   -2.522  1.00 9.96  ? 21 DC  B C2    1 
ATOM   418 O O2    . DC  B 1 9  ? -6.117  6.108   -1.959  1.00 9.11  ? 21 DC  B O2    1 
ATOM   419 N N3    . DC  B 1 9  ? -4.115  7.157   -1.831  1.00 11.16 ? 21 DC  B N3    1 
ATOM   420 C C4    . DC  B 1 9  ? -3.053  7.634   -2.479  1.00 13.35 ? 21 DC  B C4    1 
ATOM   421 N N4    . DC  B 1 9  ? -2.065  8.169   -1.756  1.00 11.17 ? 21 DC  B N4    1 
ATOM   422 C C5    . DC  B 1 9  ? -2.950  7.576   -3.898  1.00 13.00 ? 21 DC  B C5    1 
ATOM   423 C C6    . DC  B 1 9  ? -3.962  7.003   -4.568  1.00 15.07 ? 21 DC  B C6    1 
ATOM   424 P P     . DG  B 1 10 ? -9.785  5.499   -7.155  1.00 17.81 ? 22 DG  B P     1 
ATOM   425 O OP1   . DG  B 1 10 ? -10.647 4.343   -7.527  1.00 12.28 ? 22 DG  B OP1   1 
ATOM   426 O OP2   . DG  B 1 10 ? -9.340  6.462   -8.195  1.00 15.09 ? 22 DG  B OP2   1 
ATOM   427 O "O5'" . DG  B 1 10 ? -10.555 6.294   -6.021  1.00 14.43 ? 22 DG  B "O5'" 1 
ATOM   428 C "C5'" . DG  B 1 10 ? -10.908 5.617   -4.817  1.00 17.13 ? 22 DG  B "C5'" 1 
ATOM   429 C "C4'" . DG  B 1 10 ? -10.975 6.591   -3.669  1.00 15.09 ? 22 DG  B "C4'" 1 
ATOM   430 O "O4'" . DG  B 1 10 ? -9.658  7.086   -3.332  1.00 15.41 ? 22 DG  B "O4'" 1 
ATOM   431 C "C3'" . DG  B 1 10 ? -11.813 7.828   -3.973  1.00 18.41 ? 22 DG  B "C3'" 1 
ATOM   432 O "O3'" . DG  B 1 10 ? -12.519 8.174   -2.789  1.00 23.81 ? 22 DG  B "O3'" 1 
ATOM   433 C "C2'" . DG  B 1 10 ? -10.767 8.888   -4.272  1.00 13.01 ? 22 DG  B "C2'" 1 
ATOM   434 C "C1'" . DG  B 1 10 ? -9.748  8.495   -3.243  1.00 10.89 ? 22 DG  B "C1'" 1 
ATOM   435 N N9    . DG  B 1 10 ? -8.414  9.060   -3.360  1.00 5.17  ? 22 DG  B N9    1 
ATOM   436 C C8    . DG  B 1 10 ? -7.686  9.334   -4.492  1.00 6.72  ? 22 DG  B C8    1 
ATOM   437 N N7    . DG  B 1 10 ? -6.511  9.837   -4.231  1.00 9.44  ? 22 DG  B N7    1 
ATOM   438 C C5    . DG  B 1 10 ? -6.471  9.895   -2.840  1.00 8.19  ? 22 DG  B C5    1 
ATOM   439 C C6    . DG  B 1 10 ? -5.461  10.344  -1.969  1.00 4.08  ? 22 DG  B C6    1 
ATOM   440 O O6    . DG  B 1 10 ? -4.353  10.792  -2.250  1.00 6.93  ? 22 DG  B O6    1 
ATOM   441 N N1    . DG  B 1 10 ? -5.842  10.231  -0.637  1.00 5.42  ? 22 DG  B N1    1 
ATOM   442 C C2    . DG  B 1 10 ? -7.038  9.744   -0.198  1.00 3.62  ? 22 DG  B C2    1 
ATOM   443 N N2    . DG  B 1 10 ? -7.212  9.710   1.132   1.00 6.08  ? 22 DG  B N2    1 
ATOM   444 N N3    . DG  B 1 10 ? -7.993  9.320   -1.000  1.00 7.05  ? 22 DG  B N3    1 
ATOM   445 C C4    . DG  B 1 10 ? -7.641  9.422   -2.299  1.00 6.12  ? 22 DG  B C4    1 
ATOM   446 P P     . DC  B 1 11 ? -14.103 8.040   -2.761  1.00 28.45 ? 23 DC  B P     1 
ATOM   447 O OP1   . DC  B 1 11 ? -14.402 6.679   -3.263  1.00 32.81 ? 23 DC  B OP1   1 
ATOM   448 O OP2   . DC  B 1 11 ? -14.645 9.227   -3.474  1.00 24.48 ? 23 DC  B OP2   1 
ATOM   449 O "O5'" . DC  B 1 11 ? -14.460 8.122   -1.212  1.00 27.70 ? 23 DC  B "O5'" 1 
ATOM   450 C "C5'" . DC  B 1 11 ? -13.560 7.614   -0.231  1.00 28.05 ? 23 DC  B "C5'" 1 
ATOM   451 C "C4'" . DC  B 1 11 ? -13.429 8.600   0.905   1.00 30.39 ? 23 DC  B "C4'" 1 
ATOM   452 O "O4'" . DC  B 1 11 ? -12.126 9.230   0.808   1.00 21.48 ? 23 DC  B "O4'" 1 
ATOM   453 C "C3'" . DC  B 1 11 ? -14.456 9.731   0.836   1.00 36.05 ? 23 DC  B "C3'" 1 
ATOM   454 O "O3'" . DC  B 1 11 ? -14.952 10.091  2.136   1.00 50.62 ? 23 DC  B "O3'" 1 
ATOM   455 C "C2'" . DC  B 1 11 ? -13.677 10.876  0.217   1.00 30.85 ? 23 DC  B "C2'" 1 
ATOM   456 C "C1'" . DC  B 1 11 ? -12.275 10.637  0.737   1.00 22.19 ? 23 DC  B "C1'" 1 
ATOM   457 N N1    . DC  B 1 11 ? -11.208 11.175  -0.129  1.00 17.68 ? 23 DC  B N1    1 
ATOM   458 C C2    . DC  B 1 11 ? -10.034 11.641  0.466   1.00 13.30 ? 23 DC  B C2    1 
ATOM   459 O O2    . DC  B 1 11 ? -9.911  11.558  1.691   1.00 16.20 ? 23 DC  B O2    1 
ATOM   460 N N3    . DC  B 1 11 ? -9.063  12.167  -0.306  1.00 12.10 ? 23 DC  B N3    1 
ATOM   461 C C4    . DC  B 1 11 ? -9.223  12.227  -1.631  1.00 13.64 ? 23 DC  B C4    1 
ATOM   462 N N4    . DC  B 1 11 ? -8.222  12.748  -2.356  1.00 14.82 ? 23 DC  B N4    1 
ATOM   463 C C5    . DC  B 1 11 ? -10.407 11.754  -2.269  1.00 8.27  ? 23 DC  B C5    1 
ATOM   464 C C6    . DC  B 1 11 ? -11.364 11.237  -1.487  1.00 12.95 ? 23 DC  B C6    1 
ATOM   465 P P     . DG  B 1 12 ? -16.253 11.049  2.261   1.00 55.77 ? 24 DG  B P     1 
ATOM   466 O OP1   . DG  B 1 12 ? -17.417 10.227  2.696   1.00 56.92 ? 24 DG  B OP1   1 
ATOM   467 O OP2   . DG  B 1 12 ? -16.362 11.873  1.021   1.00 55.28 ? 24 DG  B OP2   1 
ATOM   468 O "O5'" . DG  B 1 12 ? -15.873 12.052  3.439   1.00 51.03 ? 24 DG  B "O5'" 1 
ATOM   469 C "C5'" . DG  B 1 12 ? -15.260 11.583  4.638   1.00 39.25 ? 24 DG  B "C5'" 1 
ATOM   470 C "C4'" . DG  B 1 12 ? -14.409 12.675  5.238   1.00 31.16 ? 24 DG  B "C4'" 1 
ATOM   471 O "O4'" . DG  B 1 12 ? -13.219 12.814  4.430   1.00 22.45 ? 24 DG  B "O4'" 1 
ATOM   472 C "C3'" . DG  B 1 12 ? -15.092 14.043  5.264   1.00 31.62 ? 24 DG  B "C3'" 1 
ATOM   473 O "O3'" . DG  B 1 12 ? -15.452 14.581  6.542   1.00 40.67 ? 24 DG  B "O3'" 1 
ATOM   474 C "C2'" . DG  B 1 12 ? -14.264 14.924  4.348   1.00 25.64 ? 24 DG  B "C2'" 1 
ATOM   475 C "C1'" . DG  B 1 12 ? -12.961 14.172  4.140   1.00 16.75 ? 24 DG  B "C1'" 1 
ATOM   476 N N9    . DG  B 1 12 ? -12.553 14.240  2.745   1.00 15.58 ? 24 DG  B N9    1 
ATOM   477 C C8    . DG  B 1 12 ? -13.254 13.765  1.666   1.00 9.34  ? 24 DG  B C8    1 
ATOM   478 N N7    . DG  B 1 12 ? -12.670 14.015  0.532   1.00 11.68 ? 24 DG  B N7    1 
ATOM   479 C C5    . DG  B 1 12 ? -11.508 14.685  0.883   1.00 8.53  ? 24 DG  B C5    1 
ATOM   480 C C6    . DG  B 1 12 ? -10.484 15.219  0.076   1.00 11.87 ? 24 DG  B C6    1 
ATOM   481 O O6    . DG  B 1 12 ? -10.388 15.212  -1.154  1.00 15.84 ? 24 DG  B O6    1 
ATOM   482 N N1    . DG  B 1 12 ? -9.493  15.815  0.837   1.00 12.67 ? 24 DG  B N1    1 
ATOM   483 C C2    . DG  B 1 12 ? -9.487  15.885  2.202   1.00 14.18 ? 24 DG  B C2    1 
ATOM   484 N N2    . DG  B 1 12 ? -8.429  16.493  2.748   1.00 17.95 ? 24 DG  B N2    1 
ATOM   485 N N3    . DG  B 1 12 ? -10.443 15.396  2.970   1.00 11.42 ? 24 DG  B N3    1 
ATOM   486 C C4    . DG  B 1 12 ? -11.417 14.815  2.247   1.00 10.04 ? 24 DG  B C4    1 
HETATM 487 C C     . BBZ C 2 .  ? -8.701  2.751   -2.323  1.00 22.17 ? 25 BBZ B C     1 
HETATM 488 C C1    . BBZ C 2 .  ? -6.391  1.526   -3.874  1.00 18.56 ? 25 BBZ B C1    1 
HETATM 489 C C2    . BBZ C 2 .  ? -7.296  2.992   -2.036  1.00 21.37 ? 25 BBZ B C2    1 
HETATM 490 C C3    . BBZ C 2 .  ? -6.184  2.396   -2.793  1.00 19.03 ? 25 BBZ B C3    1 
HETATM 491 C C4    . BBZ C 2 .  ? -8.831  1.819   -3.475  1.00 21.81 ? 25 BBZ B C4    1 
HETATM 492 C C5    . BBZ C 2 .  ? -7.720  1.227   -4.227  1.00 16.22 ? 25 BBZ B C5    1 
HETATM 493 N N     . BBZ C 2 .  ? -9.829  3.367   -1.550  1.00 20.87 ? 25 BBZ B N     1 
HETATM 494 C C6    . BBZ C 2 .  ? -5.237  0.972   -4.619  1.00 18.28 ? 25 BBZ B C6    1 
HETATM 495 C C7    . BBZ C 2 .  ? -3.093  0.329   -5.029  1.00 20.52 ? 25 BBZ B C7    1 
HETATM 496 C C8    . BBZ C 2 .  ? -3.904  0.114   -6.176  1.00 23.37 ? 25 BBZ B C8    1 
HETATM 497 C C9    . BBZ C 2 .  ? -3.345  -0.450  -7.421  1.00 22.67 ? 25 BBZ B C9    1 
HETATM 498 C C10   . BBZ C 2 .  ? -1.920  -0.765  -7.407  1.00 21.08 ? 25 BBZ B C10   1 
HETATM 499 C C11   . BBZ C 2 .  ? -1.121  -0.530  -6.231  1.00 19.67 ? 25 BBZ B C11   1 
HETATM 500 C C12   . BBZ C 2 .  ? -1.685  0.007   -5.046  1.00 18.04 ? 25 BBZ B C12   1 
HETATM 501 N N1    . BBZ C 2 .  ? -3.990  0.875   -4.066  1.00 20.37 ? 25 BBZ B N1    1 
HETATM 502 N N2    . BBZ C 2 .  ? -5.177  0.512   -5.886  1.00 18.87 ? 25 BBZ B N2    1 
HETATM 503 C C13   . BBZ C 2 .  ? 0.285   -0.845  -6.273  1.00 21.12 ? 25 BBZ B C13   1 
HETATM 504 C C14   . BBZ C 2 .  ? 2.406   -1.432  -5.623  1.00 27.29 ? 25 BBZ B C14   1 
HETATM 505 C C15   . BBZ C 2 .  ? 2.333   -1.163  -7.024  1.00 28.06 ? 25 BBZ B C15   1 
HETATM 506 C C16   . BBZ C 2 .  ? 3.489   -1.259  -7.906  1.00 30.05 ? 25 BBZ B C16   1 
HETATM 507 C C17   . BBZ C 2 .  ? 4.734   -1.646  -7.270  1.00 37.02 ? 25 BBZ B C17   1 
HETATM 508 C C18   . BBZ C 2 .  ? 4.814   -1.924  -5.826  1.00 37.86 ? 25 BBZ B C18   1 
HETATM 509 N N3    . BBZ C 2 .  ? 1.073   -1.218  -5.174  1.00 25.40 ? 25 BBZ B N3    1 
HETATM 510 N N4    . BBZ C 2 .  ? 1.073   -0.832  -7.307  1.00 25.11 ? 25 BBZ B N4    1 
HETATM 511 C C19   . BBZ C 2 .  ? 3.667   -1.824  -4.996  1.00 31.79 ? 25 BBZ B C19   1 
HETATM 512 N N5    . BBZ C 2 .  ? 6.066   -2.317  -5.165  1.00 42.54 ? 25 BBZ B N5    1 
HETATM 513 N N6    . BBZ C 2 .  ? 8.769   -2.923  -3.974  1.00 50.10 ? 25 BBZ B N6    1 
HETATM 514 C C20   . BBZ C 2 .  ? 6.568   -1.961  -3.754  1.00 44.67 ? 25 BBZ B C20   1 
HETATM 515 C C21   . BBZ C 2 .  ? 7.477   -3.054  -3.083  1.00 49.73 ? 25 BBZ B C21   1 
HETATM 516 C C22   . BBZ C 2 .  ? 8.488   -2.880  -5.470  1.00 49.76 ? 25 BBZ B C22   1 
HETATM 517 C C23   . BBZ C 2 .  ? 7.025   -3.386  -5.861  1.00 46.17 ? 25 BBZ B C23   1 
HETATM 518 C C24   . BBZ C 2 .  ? 9.104   -4.212  -3.138  1.00 48.50 ? 25 BBZ B C24   1 
HETATM 519 C CN1   . BBZ C 2 .  ? -11.360 3.372   -1.528  1.00 26.31 ? 25 BBZ B CN1   1 
HETATM 520 C CN2   . BBZ C 2 .  ? -9.912  4.219   -0.392  1.00 26.66 ? 25 BBZ B CN2   1 
HETATM 521 O O     . HOH D 3 .  ? -1.305  -10.479 -0.828  1.00 20.83 ? 29 HOH A O     1 
HETATM 522 O O     . HOH D 3 .  ? -4.980  23.680  -3.695  1.00 39.72 ? 30 HOH A O     1 
HETATM 523 O O     . HOH D 3 .  ? 0.723   -12.830 -2.319  1.00 68.50 ? 34 HOH A O     1 
HETATM 524 O O     . HOH D 3 .  ? -10.884 -1.376  -5.015  1.00 47.83 ? 38 HOH A O     1 
HETATM 525 O O     . HOH E 3 .  ? -9.936  7.511   0.462   1.00 19.03 ? 26 HOH B O     1 
HETATM 526 O O     . HOH E 3 .  ? -8.204  5.448   -10.529 1.00 37.24 ? 27 HOH B O     1 
HETATM 527 O O     . HOH E 3 .  ? 3.017   3.590   3.899   1.00 50.92 ? 28 HOH B O     1 
HETATM 528 O O     . HOH E 3 .  ? 6.173   5.062   -2.398  1.00 63.78 ? 31 HOH B O     1 
HETATM 529 O O     . HOH E 3 .  ? 5.619   -22.231 -2.646  1.00 63.20 ? 32 HOH B O     1 
HETATM 530 O O     . HOH E 3 .  ? 3.178   5.243   6.289   1.00 67.19 ? 33 HOH B O     1 
HETATM 531 O O     . HOH E 3 .  ? -4.639  7.993   -8.007  1.00 34.30 ? 36 HOH B O     1 
HETATM 532 O O     . HOH E 3 .  ? -14.575 4.580   -1.378  1.00 40.18 ? 37 HOH B O     1 
# 
